data_5OMF
#
_entry.id   5OMF
#
_cell.length_a   107.909
_cell.length_b   147.559
_cell.length_c   71.142
_cell.angle_alpha   90.00
_cell.angle_beta   90.00
_cell.angle_gamma   90.00
#
_symmetry.space_group_name_H-M   'P 21 21 2'
#
loop_
_entity.id
_entity.type
_entity.pdbx_description
1 polymer 'DNA polymerase,DNA polymerase,DNA polymerase'
2 polymer "DNA (5'-D(P*CP*TP*GP*TP*GP*GP*CP*CP*GP*TP*GP*GP*TP*C)-3')"
3 polymer "DNA (5'-D(*GP*AP*CP*CP*AP*CP*GP*GP*CP*CP*AP*C)-3')"
4 non-polymer 'MANGANESE (II) ION'
5 non-polymer 1,2-ETHANEDIOL
6 non-polymer 'MAGNESIUM ION'
7 non-polymer GLYCEROL
8 non-polymer "2'-DEOXYADENOSINE 5'-TRIPHOSPHATE"
9 water water
#
loop_
_entity_poly.entity_id
_entity_poly.type
_entity_poly.pdbx_seq_one_letter_code
_entity_poly.pdbx_strand_id
1 'polypeptide(L)'
;MILDTDYITEDGKPVIRIFKKENGEFKIEYDRTFEPYFYALLKDDSAIEEVKKITAERHGTVVTVKRVEKVQKKFLGRPV
EVWKLYFTHPQDVPAIRDKIREHPAVIDIYEYDIPFAKRYLIDKGLVPMEGDEELKMLAFAIATLYHEGEEFAEGPILMI
SYADEEGARVITWKNVDLPYVDVVSTEREMIKRFLRVVKEKDPDVLITYNGDNFDFAYLKKRCEKLGINFALGRDGSEPK
IQRMGDRFAVEVKGRIHFDLYPVIRRTINLPTYTLEAVYEAVFGQPKEKVYAEEITTAWETGENLERVARYSMEDAKVTY
ELGKEFLPMEAQLSRLIGQSLWDVSRSSTGNLVEWFLLRKAYERNELAPNKPDEKELARRRQSYEGGYVKEPERGLWENI
VYLDFRSLYPSIIITHNVSPDTLNREGCKEYDVAPQVGHRFCKDFPGFIPSLLGDLLEERQKIKKKMKATIDPIERKLLD
YRQRAIKILANSYYGYYGYARARWYCKECAESVTAWGREYITMTIKEIEEKYGFKVIYSDTDGFFATIPGADAETVKKKA
MEFLKYINAKLPGALELEYEGFYKRGFFVTKKKYAVIDEEGKITTRGLEIVRRDWSEIAKETQARVLEALLKDGDVEKAV
RIVKEVTEKLSKYEVPPEKLVIHEQITRDLKDYKATGPHVAVAKRLAARGVKIRPGTVISYIVLKGSGRIGDRAIPFDEF
DPTKHKYDAEYYIENQVLPAVERILRAFGYRKEDLRYQKTRQVGLSAWLKPKGT
;
A
2 'polydeoxyribonucleotide' (DA)(DA)(DC)(DT)(DG)(DT)(DG)(DG)(DC)(DC)(DG)(DT)(DG)(DG)(DT)(DC) T
3 'polydeoxyribonucleotide' (DG)(DA)(DC)(DC)(DA)(DC)(DG)(DG)(DC)(DC)(DA)(DC)(DA)(DG)(DT)(DT) P
#
# COMPACT_ATOMS: atom_id res chain seq x y z
N MET A 1 -7.17 22.17 13.62
CA MET A 1 -7.66 20.85 13.12
C MET A 1 -7.48 19.77 14.17
N ILE A 2 -8.10 18.62 13.93
CA ILE A 2 -7.99 17.47 14.81
C ILE A 2 -6.87 16.57 14.30
N LEU A 3 -5.90 16.29 15.17
CA LEU A 3 -4.77 15.45 14.81
C LEU A 3 -5.04 13.98 15.11
N ASP A 4 -5.65 13.68 16.25
CA ASP A 4 -5.77 12.31 16.72
C ASP A 4 -6.80 12.26 17.82
N THR A 5 -7.23 11.04 18.16
CA THR A 5 -8.06 10.81 19.33
C THR A 5 -7.68 9.48 19.96
N ASP A 6 -7.81 9.42 21.28
CA ASP A 6 -7.75 8.17 22.01
C ASP A 6 -8.65 8.30 23.23
N TYR A 7 -8.61 7.31 24.11
CA TYR A 7 -9.29 7.43 25.38
C TYR A 7 -8.41 6.85 26.48
N ILE A 8 -8.56 7.41 27.68
CA ILE A 8 -7.97 6.87 28.88
C ILE A 8 -9.09 6.59 29.86
N THR A 9 -8.77 5.86 30.92
CA THR A 9 -9.72 5.54 31.97
C THR A 9 -9.28 6.22 33.26
N GLU A 10 -10.18 7.00 33.85
CA GLU A 10 -9.95 7.61 35.16
C GLU A 10 -11.04 7.12 36.09
N ASP A 11 -10.66 6.34 37.10
CA ASP A 11 -11.59 5.81 38.08
C ASP A 11 -12.73 5.05 37.38
N GLY A 12 -12.35 4.20 36.43
CA GLY A 12 -13.28 3.33 35.76
C GLY A 12 -14.10 3.97 34.67
N LYS A 13 -14.02 5.30 34.51
CA LYS A 13 -14.78 6.01 33.49
C LYS A 13 -13.90 6.37 32.30
N PRO A 14 -14.37 6.20 31.08
CA PRO A 14 -13.55 6.58 29.92
C PRO A 14 -13.50 8.09 29.75
N VAL A 15 -12.38 8.57 29.22
CA VAL A 15 -12.19 9.98 28.92
C VAL A 15 -11.60 10.05 27.51
N ILE A 16 -12.38 10.57 26.56
CA ILE A 16 -11.86 10.81 25.22
C ILE A 16 -10.89 11.97 25.26
N ARG A 17 -9.75 11.82 24.61
CA ARG A 17 -8.80 12.91 24.40
C ARG A 17 -8.79 13.24 22.92
N ILE A 18 -9.05 14.51 22.59
CA ILE A 18 -8.98 15.00 21.23
C ILE A 18 -7.76 15.91 21.14
N PHE A 19 -6.76 15.48 20.38
CA PHE A 19 -5.54 16.24 20.19
C PHE A 19 -5.74 17.21 19.03
N LYS A 20 -5.69 18.52 19.33
CA LYS A 20 -6.05 19.56 18.38
C LYS A 20 -4.88 20.51 18.16
N LYS A 21 -4.93 21.20 17.02
CA LYS A 21 -4.14 22.40 16.78
C LYS A 21 -5.06 23.43 16.18
N GLU A 22 -5.25 24.55 16.89
CA GLU A 22 -6.15 25.62 16.47
C GLU A 22 -5.45 26.95 16.64
N ASN A 23 -5.41 27.73 15.57
CA ASN A 23 -4.77 29.05 15.59
C ASN A 23 -3.33 28.94 16.08
N GLY A 24 -2.62 27.90 15.62
CA GLY A 24 -1.25 27.69 15.98
C GLY A 24 -1.01 27.13 17.37
N GLU A 25 -2.06 26.93 18.16
CA GLU A 25 -1.94 26.48 19.53
C GLU A 25 -2.38 25.03 19.64
N PHE A 26 -1.52 24.19 20.21
CA PHE A 26 -1.90 22.82 20.49
C PHE A 26 -2.84 22.76 21.68
N LYS A 27 -3.84 21.89 21.59
CA LYS A 27 -4.83 21.74 22.64
C LYS A 27 -5.18 20.27 22.81
N ILE A 28 -5.49 19.89 24.04
CA ILE A 28 -6.09 18.60 24.34
C ILE A 28 -7.50 18.89 24.86
N GLU A 29 -8.51 18.44 24.12
CA GLU A 29 -9.88 18.50 24.58
C GLU A 29 -10.24 17.17 25.23
N TYR A 30 -10.92 17.25 26.38
CA TYR A 30 -11.35 16.08 27.11
C TYR A 30 -12.87 15.98 27.06
N ASP A 31 -13.36 14.81 26.65
CA ASP A 31 -14.79 14.53 26.61
C ASP A 31 -15.07 13.36 27.55
N ARG A 32 -15.78 13.63 28.64
CA ARG A 32 -16.10 12.63 29.64
C ARG A 32 -17.53 12.12 29.52
N THR A 33 -18.29 12.58 28.53
CA THR A 33 -19.71 12.27 28.44
C THR A 33 -20.03 11.24 27.36
N PHE A 34 -19.17 11.08 26.36
CA PHE A 34 -19.46 10.15 25.28
C PHE A 34 -19.47 8.72 25.81
N GLU A 35 -20.53 7.97 25.46
CA GLU A 35 -20.74 6.65 26.02
C GLU A 35 -20.56 5.56 24.97
N PRO A 36 -19.96 4.43 25.33
CA PRO A 36 -19.96 3.28 24.42
C PRO A 36 -21.34 2.64 24.37
N TYR A 37 -21.59 1.90 23.29
CA TYR A 37 -22.91 1.33 23.06
C TYR A 37 -22.81 0.27 21.97
N PHE A 38 -23.87 -0.53 21.87
CA PHE A 38 -24.15 -1.30 20.66
C PHE A 38 -25.66 -1.46 20.56
N TYR A 39 -26.11 -2.07 19.46
CA TYR A 39 -27.53 -2.14 19.15
C TYR A 39 -28.06 -3.56 19.34
N ALA A 40 -29.32 -3.65 19.74
CA ALA A 40 -30.01 -4.92 19.91
C ALA A 40 -31.37 -4.84 19.24
N LEU A 41 -31.66 -5.84 18.40
CA LEU A 41 -32.99 -6.01 17.82
C LEU A 41 -33.75 -7.03 18.67
N LEU A 42 -34.92 -6.64 19.16
CA LEU A 42 -35.69 -7.46 20.08
C LEU A 42 -36.94 -8.01 19.41
N LYS A 43 -37.37 -9.18 19.88
CA LYS A 43 -38.62 -9.75 19.41
C LYS A 43 -39.82 -8.88 19.80
N ASP A 44 -39.74 -8.20 20.94
CA ASP A 44 -40.82 -7.34 21.40
C ASP A 44 -40.22 -6.25 22.28
N ASP A 45 -40.77 -5.04 22.17
CA ASP A 45 -40.22 -3.91 22.92
C ASP A 45 -40.25 -4.14 24.42
N SER A 46 -41.26 -4.87 24.92
CA SER A 46 -41.38 -5.09 26.36
C SER A 46 -40.19 -5.84 26.93
N ALA A 47 -39.49 -6.61 26.10
CA ALA A 47 -38.35 -7.41 26.58
C ALA A 47 -37.15 -6.55 26.97
N ILE A 48 -37.17 -5.25 26.65
CA ILE A 48 -36.05 -4.40 27.05
C ILE A 48 -35.89 -4.39 28.56
N GLU A 49 -36.98 -4.63 29.29
CA GLU A 49 -36.93 -4.62 30.75
C GLU A 49 -36.03 -5.74 31.26
N GLU A 50 -36.06 -6.91 30.60
CA GLU A 50 -35.14 -7.98 30.98
C GLU A 50 -33.73 -7.68 30.48
N VAL A 51 -33.59 -7.17 29.27
CA VAL A 51 -32.27 -6.91 28.70
C VAL A 51 -31.55 -5.85 29.52
N LYS A 52 -32.28 -4.83 29.98
CA LYS A 52 -31.69 -3.82 30.86
C LYS A 52 -31.03 -4.44 32.08
N LYS A 53 -31.54 -5.59 32.54
CA LYS A 53 -31.11 -6.20 33.78
C LYS A 53 -30.04 -7.26 33.58
N ILE A 54 -29.60 -7.52 32.35
CA ILE A 54 -28.52 -8.46 32.12
C ILE A 54 -27.22 -7.86 32.66
N THR A 55 -26.41 -8.69 33.30
CA THR A 55 -25.14 -8.26 33.86
C THR A 55 -24.05 -9.26 33.48
N ALA A 56 -22.82 -8.77 33.48
CA ALA A 56 -21.64 -9.59 33.25
C ALA A 56 -20.59 -9.22 34.30
N GLU A 57 -19.44 -9.89 34.22
CA GLU A 57 -18.33 -9.61 35.12
C GLU A 57 -17.09 -9.32 34.29
N ARG A 58 -16.25 -8.43 34.82
CA ARG A 58 -15.09 -7.94 34.08
C ARG A 58 -13.98 -7.65 35.09
N HIS A 59 -13.19 -8.68 35.38
CA HIS A 59 -12.06 -8.56 36.31
C HIS A 59 -12.52 -7.98 37.65
N GLY A 60 -13.37 -8.76 38.32
CA GLY A 60 -13.91 -8.38 39.60
C GLY A 60 -14.96 -7.30 39.57
N THR A 61 -15.20 -6.67 38.42
CA THR A 61 -16.16 -5.59 38.30
C THR A 61 -17.44 -6.11 37.65
N VAL A 62 -18.59 -5.77 38.22
CA VAL A 62 -19.87 -6.13 37.64
C VAL A 62 -20.19 -5.17 36.51
N VAL A 63 -20.59 -5.71 35.37
CA VAL A 63 -20.94 -4.92 34.19
C VAL A 63 -22.45 -4.88 34.06
N THR A 64 -22.99 -3.69 33.86
CA THR A 64 -24.42 -3.49 33.76
C THR A 64 -24.74 -2.57 32.58
N VAL A 65 -26.00 -2.60 32.17
CA VAL A 65 -26.48 -1.68 31.14
C VAL A 65 -26.75 -0.33 31.79
N LYS A 66 -26.07 0.71 31.31
CA LYS A 66 -26.26 2.04 31.87
C LYS A 66 -27.65 2.59 31.56
N ARG A 67 -28.00 2.61 30.27
CA ARG A 67 -29.29 3.14 29.84
C ARG A 67 -29.55 2.66 28.43
N VAL A 68 -30.79 2.79 28.00
CA VAL A 68 -31.23 2.29 26.70
C VAL A 68 -31.99 3.39 25.98
N GLU A 69 -32.18 3.17 24.68
CA GLU A 69 -32.76 4.19 23.81
C GLU A 69 -33.26 3.50 22.56
N LYS A 70 -34.56 3.62 22.29
CA LYS A 70 -35.13 3.07 21.07
C LYS A 70 -34.89 4.03 19.92
N VAL A 71 -34.33 3.51 18.82
CA VAL A 71 -33.95 4.32 17.68
C VAL A 71 -34.45 3.64 16.41
N GLN A 72 -34.80 4.46 15.43
CA GLN A 72 -35.22 3.98 14.11
C GLN A 72 -34.03 4.01 13.17
N LYS A 73 -33.75 2.90 12.52
CA LYS A 73 -32.61 2.78 11.63
C LYS A 73 -33.03 1.98 10.40
N LYS A 74 -32.04 1.68 9.56
CA LYS A 74 -32.22 0.81 8.41
C LYS A 74 -31.12 -0.24 8.41
N PHE A 75 -31.44 -1.42 7.89
CA PHE A 75 -30.45 -2.45 7.62
C PHE A 75 -30.53 -2.80 6.14
N LEU A 76 -29.45 -2.55 5.41
CA LEU A 76 -29.45 -2.69 3.96
C LEU A 76 -30.63 -1.97 3.34
N GLY A 77 -30.90 -0.77 3.85
CA GLY A 77 -31.95 0.08 3.32
C GLY A 77 -33.34 -0.21 3.83
N ARG A 78 -33.56 -1.32 4.53
CA ARG A 78 -34.90 -1.67 5.00
C ARG A 78 -35.09 -1.13 6.42
N PRO A 79 -36.12 -0.33 6.68
CA PRO A 79 -36.30 0.23 8.02
C PRO A 79 -36.44 -0.85 9.08
N VAL A 80 -35.95 -0.53 10.27
CA VAL A 80 -36.06 -1.43 11.42
C VAL A 80 -35.75 -0.63 12.68
N GLU A 81 -36.55 -0.86 13.71
CA GLU A 81 -36.38 -0.20 15.00
C GLU A 81 -35.56 -1.10 15.90
N VAL A 82 -34.51 -0.54 16.51
CA VAL A 82 -33.62 -1.29 17.39
C VAL A 82 -33.42 -0.50 18.68
N TRP A 83 -32.79 -1.14 19.65
CA TRP A 83 -32.49 -0.55 20.94
C TRP A 83 -31.01 -0.26 21.04
N LYS A 84 -30.67 1.01 21.26
CA LYS A 84 -29.30 1.42 21.52
C LYS A 84 -28.99 1.19 22.99
N LEU A 85 -28.06 0.28 23.28
CA LEU A 85 -27.71 -0.11 24.64
C LEU A 85 -26.41 0.59 25.04
N TYR A 86 -26.49 1.51 25.99
CA TYR A 86 -25.34 2.27 26.46
C TYR A 86 -24.67 1.58 27.63
N PHE A 87 -23.35 1.76 27.73
CA PHE A 87 -22.58 1.23 28.85
C PHE A 87 -21.64 2.32 29.37
N THR A 88 -21.07 2.05 30.55
CA THR A 88 -20.19 3.03 31.19
C THR A 88 -18.80 3.02 30.56
N HIS A 89 -18.26 1.83 30.27
CA HIS A 89 -16.89 1.72 29.82
C HIS A 89 -16.81 0.86 28.56
N PRO A 90 -15.96 1.21 27.59
CA PRO A 90 -15.90 0.40 26.36
C PRO A 90 -15.68 -1.08 26.61
N GLN A 91 -14.81 -1.41 27.56
CA GLN A 91 -14.54 -2.81 27.87
C GLN A 91 -15.76 -3.53 28.44
N ASP A 92 -16.82 -2.81 28.79
CA ASP A 92 -18.06 -3.46 29.18
C ASP A 92 -18.65 -4.24 28.01
N VAL A 93 -18.56 -3.69 26.80
CA VAL A 93 -19.24 -4.30 25.66
C VAL A 93 -18.71 -5.70 25.37
N PRO A 94 -17.40 -5.93 25.20
CA PRO A 94 -16.94 -7.30 24.97
C PRO A 94 -17.29 -8.25 26.10
N ALA A 95 -17.44 -7.75 27.33
CA ALA A 95 -17.72 -8.61 28.46
C ALA A 95 -19.18 -9.07 28.49
N ILE A 96 -20.09 -8.29 27.91
CA ILE A 96 -21.52 -8.54 28.07
C ILE A 96 -22.24 -8.81 26.75
N ARG A 97 -21.63 -8.51 25.60
CA ARG A 97 -22.38 -8.56 24.34
C ARG A 97 -22.88 -9.96 24.04
N ASP A 98 -22.10 -10.99 24.37
CA ASP A 98 -22.53 -12.36 24.10
C ASP A 98 -23.76 -12.71 24.94
N LYS A 99 -23.76 -12.36 26.23
CA LYS A 99 -24.89 -12.68 27.08
C LYS A 99 -26.16 -11.99 26.62
N ILE A 100 -26.05 -10.77 26.09
CA ILE A 100 -27.23 -10.08 25.57
C ILE A 100 -27.69 -10.74 24.27
N ARG A 101 -26.75 -11.10 23.39
CA ARG A 101 -27.10 -11.78 22.16
C ARG A 101 -27.78 -13.12 22.44
N GLU A 102 -27.32 -13.83 23.47
CA GLU A 102 -27.87 -15.14 23.78
C GLU A 102 -29.26 -15.06 24.39
N HIS A 103 -29.66 -13.89 24.87
CA HIS A 103 -30.96 -13.76 25.52
C HIS A 103 -32.07 -14.15 24.53
N PRO A 104 -33.08 -14.91 24.95
CA PRO A 104 -34.07 -15.42 23.97
C PRO A 104 -34.86 -14.34 23.28
N ALA A 105 -34.99 -13.15 23.87
CA ALA A 105 -35.75 -12.06 23.29
C ALA A 105 -34.92 -11.18 22.37
N VAL A 106 -33.64 -11.49 22.16
CA VAL A 106 -32.77 -10.71 21.30
C VAL A 106 -32.58 -11.47 19.99
N ILE A 107 -32.97 -10.84 18.89
CA ILE A 107 -32.81 -11.47 17.57
C ILE A 107 -31.35 -11.38 17.12
N ASP A 108 -30.74 -10.21 17.27
CA ASP A 108 -29.37 -10.01 16.84
C ASP A 108 -28.88 -8.69 17.44
N ILE A 109 -27.56 -8.52 17.43
CA ILE A 109 -26.93 -7.29 17.92
C ILE A 109 -25.98 -6.77 16.85
N TYR A 110 -25.63 -5.49 16.94
CA TYR A 110 -24.89 -4.84 15.88
C TYR A 110 -23.92 -3.81 16.46
N GLU A 111 -22.85 -3.56 15.72
CA GLU A 111 -21.88 -2.51 16.03
C GLU A 111 -21.38 -2.61 17.47
N TYR A 112 -20.88 -3.80 17.80
CA TYR A 112 -20.40 -4.13 19.14
C TYR A 112 -18.89 -4.30 19.19
N ASP A 113 -18.16 -3.95 18.13
CA ASP A 113 -16.72 -4.17 18.07
C ASP A 113 -16.04 -2.99 17.38
N ILE A 114 -16.53 -1.79 17.64
CA ILE A 114 -16.00 -0.57 17.02
C ILE A 114 -15.04 0.07 18.02
N PRO A 115 -13.78 0.31 17.67
CA PRO A 115 -12.87 1.01 18.59
C PRO A 115 -13.47 2.31 19.10
N PHE A 116 -13.43 2.47 20.42
CA PHE A 116 -14.13 3.57 21.07
C PHE A 116 -13.71 4.93 20.51
N ALA A 117 -12.40 5.14 20.35
CA ALA A 117 -11.93 6.46 19.91
C ALA A 117 -12.36 6.76 18.47
N LYS A 118 -12.45 5.74 17.62
CA LYS A 118 -12.92 5.95 16.26
C LYS A 118 -14.44 6.06 16.21
N ARG A 119 -15.13 5.35 17.10
CA ARG A 119 -16.57 5.57 17.27
C ARG A 119 -16.85 7.03 17.59
N TYR A 120 -16.02 7.65 18.44
CA TYR A 120 -16.21 9.05 18.79
C TYR A 120 -16.12 9.95 17.56
N LEU A 121 -15.09 9.76 16.73
CA LEU A 121 -14.93 10.60 15.55
C LEU A 121 -16.12 10.49 14.63
N ILE A 122 -16.65 9.28 14.45
CA ILE A 122 -17.79 9.09 13.56
C ILE A 122 -19.04 9.73 14.14
N ASP A 123 -19.43 9.32 15.34
CA ASP A 123 -20.69 9.78 15.91
C ASP A 123 -20.71 11.28 16.15
N LYS A 124 -19.55 11.91 16.32
CA LYS A 124 -19.47 13.35 16.51
C LYS A 124 -19.30 14.10 15.20
N GLY A 125 -19.20 13.39 14.08
CA GLY A 125 -19.02 14.04 12.79
C GLY A 125 -17.69 14.71 12.62
N LEU A 126 -16.68 14.30 13.38
CA LEU A 126 -15.37 14.92 13.33
C LEU A 126 -14.50 14.25 12.28
N VAL A 127 -13.74 15.06 11.53
CA VAL A 127 -12.86 14.58 10.48
C VAL A 127 -11.47 15.13 10.76
N PRO A 128 -10.46 14.29 10.97
CA PRO A 128 -9.11 14.81 11.21
C PRO A 128 -8.51 15.45 9.97
N MET A 129 -7.58 16.37 10.21
CA MET A 129 -6.79 17.03 9.17
C MET A 129 -7.62 17.99 8.32
N GLU A 130 -8.73 18.50 8.86
CA GLU A 130 -9.54 19.50 8.18
C GLU A 130 -9.17 20.88 8.70
N GLY A 131 -8.99 21.82 7.78
CA GLY A 131 -8.73 23.20 8.15
C GLY A 131 -7.50 23.78 7.49
N ASP A 132 -7.38 25.11 7.51
CA ASP A 132 -6.22 25.81 6.98
C ASP A 132 -5.08 25.90 7.98
N GLU A 133 -4.93 24.89 8.84
CA GLU A 133 -3.97 24.93 9.92
C GLU A 133 -2.61 24.46 9.43
N GLU A 134 -1.58 25.24 9.73
CA GLU A 134 -0.21 24.89 9.37
C GLU A 134 0.41 24.07 10.49
N LEU A 135 0.93 22.90 10.13
CA LEU A 135 1.52 21.97 11.09
C LEU A 135 3.04 22.09 11.08
N LYS A 136 3.62 22.11 12.28
CA LYS A 136 5.06 22.15 12.44
C LYS A 136 5.60 20.72 12.40
N MET A 137 6.59 20.50 11.55
CA MET A 137 7.11 19.15 11.31
C MET A 137 8.60 19.09 11.63
N LEU A 138 9.03 17.92 12.08
CA LEU A 138 10.42 17.67 12.42
C LEU A 138 10.75 16.23 12.04
N ALA A 139 11.80 16.05 11.26
CA ALA A 139 12.31 14.73 10.95
C ALA A 139 13.51 14.42 11.84
N PHE A 140 13.76 13.14 12.05
CA PHE A 140 14.96 12.74 12.77
C PHE A 140 15.39 11.36 12.32
N ALA A 141 16.67 11.08 12.52
CA ALA A 141 17.26 9.78 12.24
C ALA A 141 18.38 9.54 13.24
N ILE A 142 18.90 8.32 13.26
CA ILE A 142 19.95 7.95 14.20
C ILE A 142 21.00 7.12 13.48
N ALA A 143 22.24 7.25 13.97
CA ALA A 143 23.34 6.39 13.55
C ALA A 143 23.82 5.61 14.76
N THR A 144 23.98 4.30 14.60
CA THR A 144 24.28 3.40 15.71
C THR A 144 25.58 2.66 15.47
N LEU A 145 26.10 2.08 16.55
CA LEU A 145 27.33 1.29 16.51
C LEU A 145 26.93 -0.18 16.33
N TYR A 146 27.18 -0.73 15.14
CA TYR A 146 26.78 -2.09 14.81
C TYR A 146 27.99 -2.99 14.71
N HIS A 147 27.93 -4.13 15.40
CA HIS A 147 28.86 -5.24 15.19
C HIS A 147 28.04 -6.49 14.95
N GLU A 148 28.40 -7.24 13.91
CA GLU A 148 27.66 -8.46 13.59
C GLU A 148 27.76 -9.44 14.76
N GLY A 149 26.69 -10.22 14.94
CA GLY A 149 26.66 -11.20 16.01
C GLY A 149 26.27 -10.64 17.36
N GLU A 150 25.62 -9.48 17.40
CA GLU A 150 25.17 -8.86 18.64
C GLU A 150 23.64 -8.80 18.66
N GLU A 151 23.08 -8.80 19.86
CA GLU A 151 21.65 -8.62 20.00
C GLU A 151 21.27 -7.19 19.57
N PHE A 152 19.97 -6.98 19.39
CA PHE A 152 19.49 -5.69 18.90
C PHE A 152 19.77 -4.59 19.92
N ALA A 153 20.36 -3.50 19.44
CA ALA A 153 20.63 -2.31 20.24
C ALA A 153 21.63 -2.56 21.35
N GLU A 154 22.47 -3.59 21.22
CA GLU A 154 23.52 -3.80 22.20
C GLU A 154 24.56 -2.69 22.16
N GLY A 155 24.75 -2.07 20.99
CA GLY A 155 25.66 -0.97 20.85
C GLY A 155 24.94 0.36 21.04
N PRO A 156 25.70 1.42 21.33
CA PRO A 156 25.07 2.71 21.59
C PRO A 156 24.65 3.44 20.31
N ILE A 157 23.76 4.40 20.50
CA ILE A 157 23.50 5.37 19.44
C ILE A 157 24.66 6.36 19.39
N LEU A 158 25.19 6.58 18.20
CA LEU A 158 26.33 7.46 18.02
C LEU A 158 25.94 8.87 17.65
N MET A 159 24.87 9.04 16.87
CA MET A 159 24.44 10.35 16.43
C MET A 159 22.93 10.35 16.31
N ILE A 160 22.32 11.46 16.72
CA ILE A 160 20.91 11.73 16.44
C ILE A 160 20.85 13.01 15.62
N SER A 161 20.26 12.92 14.44
CA SER A 161 20.11 14.05 13.55
C SER A 161 18.64 14.42 13.42
N TYR A 162 18.38 15.70 13.20
CA TYR A 162 17.02 16.18 13.04
C TYR A 162 17.02 17.32 12.03
N ALA A 163 15.91 17.48 11.33
CA ALA A 163 15.80 18.48 10.29
C ALA A 163 14.39 19.04 10.24
N ASP A 164 14.28 20.34 10.06
CA ASP A 164 13.01 20.99 9.80
C ASP A 164 13.28 22.13 8.82
N GLU A 165 12.31 23.04 8.67
CA GLU A 165 12.47 24.10 7.68
C GLU A 165 13.63 25.02 8.01
N GLU A 166 14.05 25.08 9.27
CA GLU A 166 15.14 25.97 9.68
C GLU A 166 16.51 25.36 9.44
N GLY A 167 16.60 24.08 9.11
CA GLY A 167 17.86 23.45 8.81
C GLY A 167 17.94 22.08 9.46
N ALA A 168 19.13 21.50 9.42
CA ALA A 168 19.39 20.17 9.96
C ALA A 168 20.63 20.22 10.84
N ARG A 169 20.63 19.38 11.88
CA ARG A 169 21.74 19.32 12.82
C ARG A 169 21.94 17.88 13.28
N VAL A 170 23.08 17.64 13.91
CA VAL A 170 23.48 16.32 14.37
C VAL A 170 24.01 16.46 15.80
N ILE A 171 23.51 15.60 16.69
CA ILE A 171 23.99 15.54 18.07
C ILE A 171 24.81 14.26 18.21
N THR A 172 26.02 14.40 18.74
CA THR A 172 26.89 13.25 18.93
C THR A 172 27.74 13.47 20.17
N TRP A 173 28.34 12.39 20.67
CA TRP A 173 29.17 12.44 21.88
C TRP A 173 30.63 12.10 21.58
N LYS A 174 31.07 12.37 20.35
CA LYS A 174 32.48 12.47 20.02
C LYS A 174 32.72 13.83 19.36
N ASN A 175 33.97 14.28 19.40
CA ASN A 175 34.29 15.64 18.96
C ASN A 175 34.44 15.66 17.44
N VAL A 176 33.37 16.05 16.76
CA VAL A 176 33.38 16.27 15.31
C VAL A 176 33.29 17.77 15.08
N ASP A 177 34.22 18.31 14.27
CA ASP A 177 34.30 19.75 14.05
C ASP A 177 33.58 20.08 12.75
N LEU A 178 32.26 20.17 12.84
CA LEU A 178 31.43 20.64 11.74
C LEU A 178 30.44 21.67 12.28
N PRO A 179 30.02 22.63 11.45
CA PRO A 179 29.16 23.70 11.99
C PRO A 179 27.81 23.23 12.47
N TYR A 180 27.27 22.14 11.91
CA TYR A 180 25.94 21.67 12.25
C TYR A 180 25.96 20.50 13.22
N VAL A 181 27.09 20.20 13.85
CA VAL A 181 27.22 19.10 14.77
C VAL A 181 27.34 19.67 16.18
N ASP A 182 26.47 19.21 17.08
CA ASP A 182 26.50 19.60 18.47
C ASP A 182 27.10 18.46 19.28
N VAL A 183 28.23 18.73 19.95
CA VAL A 183 28.98 17.72 20.67
C VAL A 183 28.53 17.72 22.13
N VAL A 184 28.22 16.54 22.65
CA VAL A 184 27.86 16.37 24.04
C VAL A 184 28.81 15.36 24.68
N SER A 185 28.64 15.10 25.97
CA SER A 185 29.61 14.30 26.71
C SER A 185 29.36 12.80 26.56
N THR A 186 28.10 12.38 26.55
CA THR A 186 27.77 10.96 26.63
C THR A 186 26.59 10.65 25.72
N GLU A 187 26.38 9.36 25.47
CA GLU A 187 25.17 8.91 24.78
C GLU A 187 23.93 9.40 25.53
N ARG A 188 23.98 9.35 26.87
CA ARG A 188 22.83 9.80 27.66
C ARG A 188 22.52 11.28 27.40
N GLU A 189 23.55 12.12 27.42
CA GLU A 189 23.33 13.55 27.18
C GLU A 189 22.82 13.79 25.76
N MET A 190 23.30 13.00 24.80
CA MET A 190 22.81 13.13 23.43
C MET A 190 21.31 12.87 23.36
N ILE A 191 20.85 11.76 23.94
CA ILE A 191 19.43 11.45 23.95
C ILE A 191 18.65 12.54 24.67
N LYS A 192 19.12 12.91 25.87
CA LYS A 192 18.45 13.97 26.61
C LYS A 192 18.45 15.28 25.83
N ARG A 193 19.52 15.54 25.08
CA ARG A 193 19.56 16.73 24.24
C ARG A 193 18.49 16.66 23.15
N PHE A 194 18.39 15.52 22.46
CA PHE A 194 17.38 15.37 21.43
C PHE A 194 15.97 15.51 22.00
N LEU A 195 15.72 14.89 23.16
CA LEU A 195 14.44 15.07 23.82
C LEU A 195 14.15 16.54 24.06
N ARG A 196 15.15 17.29 24.49
CA ARG A 196 14.99 18.72 24.72
C ARG A 196 14.64 19.45 23.43
N VAL A 197 15.35 19.12 22.34
CA VAL A 197 15.08 19.78 21.06
C VAL A 197 13.62 19.58 20.65
N VAL A 198 13.10 18.36 20.83
CA VAL A 198 11.73 18.09 20.41
C VAL A 198 10.74 18.86 21.26
N LYS A 199 10.98 18.91 22.58
CA LYS A 199 10.05 19.63 23.45
C LYS A 199 10.09 21.12 23.15
N GLU A 200 11.26 21.66 22.81
CA GLU A 200 11.37 23.08 22.50
C GLU A 200 10.70 23.40 21.17
N LYS A 201 11.04 22.65 20.12
CA LYS A 201 10.41 22.88 18.82
C LYS A 201 8.92 22.54 18.85
N ASP A 202 8.52 21.62 19.73
CA ASP A 202 7.12 21.24 19.89
C ASP A 202 6.46 20.96 18.54
N PRO A 203 6.98 20.00 17.77
CA PRO A 203 6.42 19.74 16.44
C PRO A 203 5.12 18.97 16.50
N ASP A 204 4.25 19.26 15.54
CA ASP A 204 3.01 18.51 15.39
C ASP A 204 3.25 17.15 14.73
N VAL A 205 4.25 17.05 13.86
CA VAL A 205 4.55 15.82 13.13
C VAL A 205 6.01 15.45 13.35
N LEU A 206 6.25 14.21 13.74
CA LEU A 206 7.59 13.64 13.79
C LEU A 206 7.74 12.70 12.61
N ILE A 207 8.64 13.04 11.69
CA ILE A 207 8.83 12.27 10.45
C ILE A 207 10.03 11.35 10.64
N THR A 208 9.85 10.07 10.29
CA THR A 208 10.92 9.11 10.28
C THR A 208 10.86 8.32 8.98
N TYR A 209 11.90 7.53 8.73
CA TYR A 209 11.89 6.53 7.66
C TYR A 209 12.16 5.19 8.31
N ASN A 210 11.09 4.42 8.52
CA ASN A 210 11.14 3.13 9.21
C ASN A 210 11.32 3.28 10.72
N GLY A 211 10.97 4.44 11.27
CA GLY A 211 11.02 4.61 12.71
C GLY A 211 10.09 3.67 13.44
N ASP A 212 9.02 3.23 12.77
CA ASP A 212 8.11 2.26 13.38
C ASP A 212 8.84 0.98 13.81
N ASN A 213 9.91 0.62 13.11
CA ASN A 213 10.54 -0.67 13.31
C ASN A 213 12.03 -0.63 13.57
N PHE A 214 12.65 0.56 13.64
CA PHE A 214 14.06 0.64 14.00
C PHE A 214 14.33 1.78 14.97
N ASP A 215 14.14 3.01 14.53
CA ASP A 215 14.61 4.16 15.29
C ASP A 215 14.04 4.18 16.71
N PHE A 216 12.72 4.03 16.84
CA PHE A 216 12.10 4.15 18.16
C PHE A 216 12.45 2.94 19.04
N ALA A 217 12.49 1.75 18.46
CA ALA A 217 12.83 0.56 19.25
C ALA A 217 14.28 0.64 19.72
N TYR A 218 15.18 1.16 18.89
CA TYR A 218 16.56 1.33 19.31
C TYR A 218 16.66 2.32 20.45
N LEU A 219 16.01 3.48 20.31
CA LEU A 219 15.98 4.47 21.38
C LEU A 219 15.40 3.89 22.66
N LYS A 220 14.39 3.04 22.54
CA LYS A 220 13.75 2.47 23.72
C LYS A 220 14.71 1.61 24.50
N LYS A 221 15.44 0.72 23.81
CA LYS A 221 16.42 -0.12 24.49
C LYS A 221 17.51 0.70 25.15
N ARG A 222 18.03 1.70 24.44
CA ARG A 222 19.10 2.52 25.00
C ARG A 222 18.59 3.34 26.20
N CYS A 223 17.38 3.86 26.13
CA CYS A 223 16.83 4.58 27.27
C CYS A 223 16.60 3.65 28.46
N GLU A 224 16.25 2.39 28.20
CA GLU A 224 16.07 1.43 29.28
C GLU A 224 17.42 1.05 29.89
N LYS A 225 18.49 1.08 29.11
CA LYS A 225 19.83 0.85 29.66
C LYS A 225 20.29 2.05 30.48
N LEU A 226 20.04 3.27 29.98
CA LEU A 226 20.57 4.47 30.59
C LEU A 226 19.63 5.08 31.63
N GLY A 227 18.42 4.55 31.80
CA GLY A 227 17.49 5.10 32.76
C GLY A 227 16.91 6.45 32.35
N ILE A 228 16.58 6.61 31.07
CA ILE A 228 16.10 7.87 30.54
C ILE A 228 14.58 7.79 30.37
N ASN A 229 13.87 8.79 30.89
CA ASN A 229 12.46 8.95 30.60
C ASN A 229 12.31 9.71 29.29
N PHE A 230 12.06 8.97 28.21
CA PHE A 230 12.06 9.52 26.85
C PHE A 230 10.67 10.07 26.53
N ALA A 231 10.35 11.20 27.17
CA ALA A 231 8.99 11.72 27.20
C ALA A 231 8.75 12.64 26.00
N LEU A 232 8.75 12.02 24.80
CA LEU A 232 8.46 12.77 23.59
C LEU A 232 6.99 13.18 23.50
N GLY A 233 6.09 12.42 24.11
CA GLY A 233 4.68 12.74 24.02
C GLY A 233 4.38 14.12 24.60
N ARG A 234 3.40 14.78 23.98
CA ARG A 234 2.95 16.08 24.48
C ARG A 234 2.23 15.99 25.81
N ASP A 235 1.89 14.79 26.26
CA ASP A 235 1.35 14.57 27.59
C ASP A 235 2.39 14.03 28.56
N GLY A 236 3.68 14.11 28.19
CA GLY A 236 4.74 13.58 29.00
C GLY A 236 5.00 12.09 28.81
N SER A 237 4.26 11.44 27.92
CA SER A 237 4.39 10.01 27.72
C SER A 237 5.59 9.69 26.84
N GLU A 238 6.04 8.44 26.94
CA GLU A 238 7.07 7.93 26.06
C GLU A 238 6.42 7.33 24.81
N PRO A 239 7.20 7.14 23.74
CA PRO A 239 6.61 6.56 22.53
C PRO A 239 5.93 5.22 22.83
N LYS A 240 4.75 5.05 22.27
CA LYS A 240 3.92 3.86 22.50
C LYS A 240 4.16 2.90 21.34
N ILE A 241 4.95 1.86 21.60
CA ILE A 241 5.28 0.85 20.59
C ILE A 241 4.26 -0.27 20.70
N GLN A 242 3.59 -0.57 19.59
CA GLN A 242 2.51 -1.54 19.58
C GLN A 242 2.62 -2.43 18.34
N ARG A 243 2.09 -3.64 18.46
CA ARG A 243 2.12 -4.60 17.37
C ARG A 243 1.09 -4.23 16.31
N MET A 244 1.48 -4.35 15.06
CA MET A 244 0.59 -4.11 13.92
C MET A 244 0.89 -5.18 12.87
N GLY A 245 0.00 -6.15 12.74
CA GLY A 245 0.25 -7.25 11.82
C GLY A 245 1.50 -8.00 12.23
N ASP A 246 2.41 -8.17 11.27
CA ASP A 246 3.65 -8.90 11.50
C ASP A 246 4.80 -8.00 11.89
N ARG A 247 4.54 -6.72 12.14
CA ARG A 247 5.58 -5.79 12.56
C ARG A 247 4.96 -4.80 13.53
N PHE A 248 5.66 -3.68 13.77
CA PHE A 248 5.28 -2.75 14.82
C PHE A 248 4.96 -1.37 14.26
N ALA A 249 4.30 -0.56 15.08
CA ALA A 249 4.02 0.83 14.80
C ALA A 249 4.16 1.61 16.10
N VAL A 250 4.57 2.88 15.99
CA VAL A 250 4.92 3.67 17.16
C VAL A 250 4.12 4.96 17.14
N GLU A 251 3.43 5.23 18.25
CA GLU A 251 2.73 6.49 18.48
C GLU A 251 3.54 7.40 19.38
N VAL A 252 3.44 8.70 19.13
CA VAL A 252 3.88 9.73 20.05
C VAL A 252 2.66 10.59 20.35
N LYS A 253 2.12 10.45 21.56
CA LYS A 253 0.82 11.04 21.86
C LYS A 253 0.87 12.55 21.77
N GLY A 254 -0.20 13.12 21.21
CA GLY A 254 -0.27 14.54 20.94
C GLY A 254 0.38 14.97 19.65
N ARG A 255 1.23 14.12 19.06
CA ARG A 255 1.86 14.39 17.77
C ARG A 255 1.44 13.32 16.78
N ILE A 256 1.86 13.52 15.53
CA ILE A 256 1.65 12.55 14.47
C ILE A 256 3.03 11.99 14.11
N HIS A 257 3.30 10.75 14.50
CA HIS A 257 4.50 10.06 14.02
C HIS A 257 4.23 9.60 12.60
N PHE A 258 4.77 10.32 11.63
CA PHE A 258 4.61 10.00 10.22
C PHE A 258 5.82 9.17 9.80
N ASP A 259 5.65 7.85 9.75
CA ASP A 259 6.67 6.96 9.22
C ASP A 259 6.49 6.87 7.71
N LEU A 260 7.44 7.45 6.96
CA LEU A 260 7.32 7.50 5.51
C LEU A 260 7.38 6.11 4.88
N TYR A 261 8.07 5.17 5.51
CA TYR A 261 8.34 3.90 4.84
C TYR A 261 7.06 3.18 4.40
N PRO A 262 6.08 2.95 5.27
CA PRO A 262 4.86 2.27 4.79
C PRO A 262 4.17 3.01 3.66
N VAL A 263 4.13 4.34 3.71
CA VAL A 263 3.52 5.11 2.64
C VAL A 263 4.30 4.92 1.34
N ILE A 264 5.61 5.16 1.38
CA ILE A 264 6.43 5.02 0.18
C ILE A 264 6.33 3.61 -0.37
N ARG A 265 6.34 2.61 0.51
CA ARG A 265 6.45 1.23 0.07
C ARG A 265 5.28 0.83 -0.82
N ARG A 266 4.08 1.35 -0.55
CA ARG A 266 2.90 1.00 -1.34
C ARG A 266 2.54 2.05 -2.38
N THR A 267 3.22 3.19 -2.40
CA THR A 267 2.95 4.25 -3.36
C THR A 267 3.88 4.21 -4.57
N ILE A 268 5.14 3.87 -4.37
CA ILE A 268 6.15 3.88 -5.43
C ILE A 268 6.64 2.46 -5.66
N ASN A 269 6.84 2.11 -6.92
CA ASN A 269 7.35 0.80 -7.30
C ASN A 269 8.85 0.91 -7.52
N LEU A 270 9.63 0.33 -6.62
CA LEU A 270 11.09 0.39 -6.68
C LEU A 270 11.68 -0.99 -6.45
N PRO A 271 12.87 -1.25 -7.00
CA PRO A 271 13.54 -2.53 -6.70
C PRO A 271 14.00 -2.63 -5.26
N THR A 272 14.47 -1.53 -4.69
CA THR A 272 14.83 -1.46 -3.27
C THR A 272 14.28 -0.17 -2.70
N TYR A 273 14.07 -0.17 -1.38
CA TYR A 273 13.44 0.96 -0.69
C TYR A 273 14.36 1.54 0.37
N THR A 274 15.66 1.55 0.10
CA THR A 274 16.57 2.33 0.91
C THR A 274 16.19 3.81 0.82
N LEU A 275 16.52 4.56 1.87
CA LEU A 275 16.24 5.99 1.86
C LEU A 275 16.90 6.65 0.64
N GLU A 276 18.08 6.17 0.26
CA GLU A 276 18.78 6.74 -0.88
C GLU A 276 17.99 6.53 -2.18
N ALA A 277 17.51 5.30 -2.39
CA ALA A 277 16.75 5.01 -3.61
C ALA A 277 15.47 5.80 -3.68
N VAL A 278 14.81 6.00 -2.53
CA VAL A 278 13.54 6.73 -2.51
C VAL A 278 13.77 8.20 -2.80
N TYR A 279 14.85 8.78 -2.26
CA TYR A 279 15.12 10.19 -2.48
C TYR A 279 15.40 10.47 -3.95
N GLU A 280 16.24 9.65 -4.58
CA GLU A 280 16.56 9.87 -5.99
C GLU A 280 15.34 9.62 -6.87
N ALA A 281 14.52 8.62 -6.52
CA ALA A 281 13.33 8.33 -7.30
C ALA A 281 12.37 9.53 -7.31
N VAL A 282 12.22 10.18 -6.15
CA VAL A 282 11.27 11.29 -6.04
C VAL A 282 11.87 12.57 -6.60
N PHE A 283 13.07 12.94 -6.15
CA PHE A 283 13.66 14.24 -6.47
C PHE A 283 14.68 14.18 -7.59
N GLY A 284 15.07 13.00 -8.04
CA GLY A 284 16.05 12.91 -9.11
C GLY A 284 17.41 13.47 -8.73
N GLN A 285 17.83 13.29 -7.48
CA GLN A 285 19.14 13.71 -7.02
C GLN A 285 19.74 12.58 -6.20
N PRO A 286 21.05 12.36 -6.30
CA PRO A 286 21.65 11.23 -5.59
C PRO A 286 21.87 11.53 -4.11
N LYS A 287 21.87 10.44 -3.33
CA LYS A 287 22.21 10.51 -1.92
C LYS A 287 23.23 9.42 -1.63
N GLU A 288 24.37 9.80 -1.06
CA GLU A 288 25.40 8.83 -0.75
C GLU A 288 24.99 7.98 0.45
N LYS A 289 25.39 6.72 0.41
CA LYS A 289 25.09 5.76 1.47
C LYS A 289 26.38 5.41 2.19
N VAL A 290 26.40 5.64 3.50
CA VAL A 290 27.50 5.19 4.35
C VAL A 290 27.00 3.98 5.12
N TYR A 291 27.72 2.87 5.00
CA TYR A 291 27.25 1.59 5.52
C TYR A 291 27.62 1.42 6.98
N ALA A 292 26.85 0.58 7.67
CA ALA A 292 27.04 0.37 9.10
C ALA A 292 28.48 -0.01 9.42
N GLU A 293 29.11 -0.80 8.54
CA GLU A 293 30.47 -1.23 8.78
C GLU A 293 31.44 -0.05 8.72
N GLU A 294 31.17 0.94 7.87
CA GLU A 294 32.02 2.13 7.82
C GLU A 294 31.77 3.02 9.03
N ILE A 295 30.52 3.15 9.45
CA ILE A 295 30.20 3.95 10.63
C ILE A 295 30.96 3.44 11.84
N THR A 296 30.94 2.13 12.06
CA THR A 296 31.59 1.55 13.23
C THR A 296 33.10 1.80 13.20
N THR A 297 33.73 1.60 12.04
CA THR A 297 35.18 1.80 11.96
C THR A 297 35.55 3.25 12.20
N ALA A 298 34.77 4.19 11.65
CA ALA A 298 35.05 5.60 11.88
C ALA A 298 34.95 5.95 13.36
N TRP A 299 33.97 5.39 14.05
CA TRP A 299 33.79 5.70 15.46
C TRP A 299 34.91 5.11 16.30
N GLU A 300 35.31 3.87 16.01
CA GLU A 300 36.33 3.21 16.83
C GLU A 300 37.72 3.76 16.53
N THR A 301 38.00 4.07 15.27
CA THR A 301 39.29 4.63 14.89
C THR A 301 39.30 6.16 14.92
N GLY A 302 38.16 6.81 15.13
CA GLY A 302 38.07 8.24 15.13
C GLY A 302 38.38 8.91 13.82
N GLU A 303 38.59 8.15 12.75
CA GLU A 303 39.00 8.69 11.47
C GLU A 303 37.80 8.87 10.56
N ASN A 304 37.67 10.06 9.97
CA ASN A 304 36.67 10.34 8.95
C ASN A 304 35.25 10.30 9.53
N LEU A 305 35.10 10.79 10.76
CA LEU A 305 33.78 10.89 11.36
C LEU A 305 32.97 12.04 10.77
N GLU A 306 33.62 13.00 10.11
CA GLU A 306 32.87 14.05 9.42
C GLU A 306 31.94 13.44 8.37
N ARG A 307 32.44 12.43 7.64
CA ARG A 307 31.63 11.79 6.61
C ARG A 307 30.41 11.09 7.21
N VAL A 308 30.54 10.56 8.42
CA VAL A 308 29.40 9.91 9.06
C VAL A 308 28.39 10.94 9.53
N ALA A 309 28.87 12.05 10.09
CA ALA A 309 27.96 13.11 10.52
C ALA A 309 27.20 13.72 9.34
N ARG A 310 27.89 13.91 8.22
CA ARG A 310 27.21 14.42 7.02
C ARG A 310 26.14 13.43 6.56
N TYR A 311 26.48 12.15 6.48
CA TYR A 311 25.50 11.14 6.11
C TYR A 311 24.30 11.16 7.05
N SER A 312 24.55 11.30 8.36
CA SER A 312 23.47 11.37 9.32
C SER A 312 22.64 12.63 9.12
N MET A 313 23.29 13.77 8.96
CA MET A 313 22.57 15.01 8.68
C MET A 313 21.73 14.89 7.41
N GLU A 314 22.28 14.25 6.38
CA GLU A 314 21.53 14.10 5.13
C GLU A 314 20.33 13.19 5.31
N ASP A 315 20.46 12.15 6.14
CA ASP A 315 19.31 11.29 6.42
C ASP A 315 18.14 12.10 6.94
N ALA A 316 18.39 12.97 7.93
CA ALA A 316 17.32 13.78 8.49
C ALA A 316 16.80 14.78 7.46
N LYS A 317 17.71 15.37 6.67
CA LYS A 317 17.30 16.40 5.71
C LYS A 317 16.37 15.82 4.65
N VAL A 318 16.79 14.71 4.02
CA VAL A 318 15.95 14.12 2.98
C VAL A 318 14.68 13.54 3.58
N THR A 319 14.74 13.07 4.82
CA THR A 319 13.54 12.57 5.47
C THR A 319 12.51 13.69 5.65
N TYR A 320 12.98 14.87 6.05
CA TYR A 320 12.08 16.02 6.15
C TYR A 320 11.52 16.39 4.78
N GLU A 321 12.40 16.52 3.78
CA GLU A 321 11.94 16.89 2.44
C GLU A 321 10.91 15.90 1.91
N LEU A 322 11.18 14.60 2.08
CA LEU A 322 10.21 13.59 1.65
C LEU A 322 8.90 13.71 2.40
N GLY A 323 8.97 14.05 3.69
CA GLY A 323 7.75 14.18 4.47
C GLY A 323 6.90 15.36 4.03
N LYS A 324 7.54 16.46 3.64
CA LYS A 324 6.79 17.62 3.16
C LYS A 324 5.96 17.27 1.93
N GLU A 325 6.53 16.46 1.04
CA GLU A 325 5.86 16.15 -0.22
C GLU A 325 4.74 15.14 -0.06
N PHE A 326 4.85 14.24 0.93
CA PHE A 326 3.90 13.14 1.05
C PHE A 326 2.85 13.34 2.12
N LEU A 327 3.03 14.29 3.04
CA LEU A 327 2.00 14.54 4.04
C LEU A 327 0.70 15.03 3.39
N PRO A 328 0.71 15.99 2.47
CA PRO A 328 -0.57 16.43 1.87
C PRO A 328 -1.39 15.29 1.30
N MET A 329 -0.74 14.36 0.60
CA MET A 329 -1.43 13.19 0.07
C MET A 329 -2.09 12.39 1.19
N GLU A 330 -1.33 12.05 2.23
CA GLU A 330 -1.89 11.26 3.31
C GLU A 330 -2.90 12.05 4.13
N ALA A 331 -2.77 13.38 4.17
CA ALA A 331 -3.76 14.20 4.86
C ALA A 331 -5.09 14.19 4.13
N GLN A 332 -5.07 14.23 2.79
CA GLN A 332 -6.31 14.09 2.03
C GLN A 332 -6.95 12.74 2.30
N LEU A 333 -6.14 11.67 2.27
CA LEU A 333 -6.66 10.34 2.55
C LEU A 333 -7.28 10.27 3.93
N SER A 334 -6.69 10.98 4.90
N SER A 334 -6.68 10.97 4.90
CA SER A 334 -7.27 10.99 6.24
CA SER A 334 -7.26 11.01 6.23
C SER A 334 -8.66 11.63 6.23
C SER A 334 -8.66 11.61 6.21
N ARG A 335 -8.84 12.68 5.44
CA ARG A 335 -10.15 13.33 5.38
C ARG A 335 -11.16 12.45 4.66
N LEU A 336 -10.75 11.79 3.57
CA LEU A 336 -11.67 10.94 2.84
C LEU A 336 -12.15 9.77 3.69
N ILE A 337 -11.24 9.13 4.41
CA ILE A 337 -11.62 8.00 5.25
C ILE A 337 -12.28 8.49 6.54
N GLY A 338 -11.90 9.67 7.02
CA GLY A 338 -12.42 10.16 8.29
C GLY A 338 -11.71 9.60 9.49
N GLN A 339 -10.43 9.28 9.38
CA GLN A 339 -9.65 8.77 10.51
C GLN A 339 -8.28 9.44 10.49
N SER A 340 -7.56 9.28 11.61
CA SER A 340 -6.32 10.00 11.81
C SER A 340 -5.28 9.60 10.76
N LEU A 341 -4.35 10.52 10.49
CA LEU A 341 -3.29 10.24 9.54
C LEU A 341 -2.43 9.08 9.99
N TRP A 342 -2.19 8.97 11.30
CA TRP A 342 -1.43 7.85 11.82
C TRP A 342 -2.06 6.52 11.39
N ASP A 343 -3.38 6.41 11.51
CA ASP A 343 -4.07 5.18 11.16
C ASP A 343 -4.07 4.95 9.65
N VAL A 344 -4.52 5.95 8.89
CA VAL A 344 -4.69 5.72 7.46
C VAL A 344 -3.35 5.48 6.77
N SER A 345 -2.27 6.10 7.26
CA SER A 345 -0.98 5.93 6.61
C SER A 345 -0.42 4.53 6.81
N ARG A 346 -0.93 3.77 7.79
CA ARG A 346 -0.41 2.45 8.10
C ARG A 346 -1.41 1.31 7.87
N SER A 347 -2.70 1.61 7.76
CA SER A 347 -3.70 0.55 7.81
C SER A 347 -3.84 -0.14 6.46
N SER A 348 -4.34 -1.38 6.51
CA SER A 348 -4.65 -2.11 5.30
C SER A 348 -5.79 -1.43 4.54
N THR A 349 -5.90 -1.76 3.25
CA THR A 349 -6.97 -1.18 2.44
C THR A 349 -8.34 -1.61 2.92
N GLY A 350 -8.46 -2.82 3.46
CA GLY A 350 -9.74 -3.27 3.99
C GLY A 350 -10.23 -2.43 5.14
N ASN A 351 -9.32 -2.05 6.05
CA ASN A 351 -9.71 -1.21 7.17
C ASN A 351 -10.11 0.18 6.70
N LEU A 352 -9.39 0.74 5.71
CA LEU A 352 -9.78 2.02 5.16
C LEU A 352 -11.21 1.98 4.62
N VAL A 353 -11.49 0.99 3.78
CA VAL A 353 -12.84 0.86 3.23
C VAL A 353 -13.86 0.76 4.35
N GLU A 354 -13.60 -0.10 5.33
CA GLU A 354 -14.58 -0.35 6.38
C GLU A 354 -14.77 0.88 7.27
N TRP A 355 -13.69 1.55 7.65
CA TRP A 355 -13.84 2.79 8.40
C TRP A 355 -14.63 3.82 7.61
N PHE A 356 -14.40 3.87 6.30
CA PHE A 356 -15.17 4.76 5.44
C PHE A 356 -16.65 4.38 5.45
N LEU A 357 -16.95 3.09 5.26
CA LEU A 357 -18.33 2.66 5.19
C LEU A 357 -19.04 2.84 6.53
N LEU A 358 -18.35 2.57 7.64
CA LEU A 358 -18.99 2.73 8.95
C LEU A 358 -19.41 4.17 9.17
N ARG A 359 -18.58 5.13 8.73
CA ARG A 359 -18.93 6.54 8.88
C ARG A 359 -20.11 6.90 7.99
N LYS A 360 -20.04 6.54 6.70
CA LYS A 360 -21.14 6.83 5.79
C LYS A 360 -22.43 6.17 6.26
N ALA A 361 -22.33 4.91 6.73
CA ALA A 361 -23.51 4.24 7.27
C ALA A 361 -24.10 5.03 8.43
N TYR A 362 -23.25 5.54 9.32
CA TYR A 362 -23.76 6.35 10.43
C TYR A 362 -24.42 7.62 9.93
N GLU A 363 -23.81 8.28 8.93
CA GLU A 363 -24.41 9.47 8.37
C GLU A 363 -25.78 9.20 7.78
N ARG A 364 -25.98 7.99 7.24
CA ARG A 364 -27.22 7.62 6.56
C ARG A 364 -28.15 6.79 7.42
N ASN A 365 -27.88 6.71 8.73
CA ASN A 365 -28.74 5.98 9.65
C ASN A 365 -28.87 4.51 9.27
N GLU A 366 -27.80 3.94 8.72
CA GLU A 366 -27.77 2.54 8.32
C GLU A 366 -26.98 1.73 9.34
N LEU A 367 -27.59 0.65 9.83
CA LEU A 367 -26.88 -0.28 10.70
C LEU A 367 -25.79 -1.00 9.92
N ALA A 368 -24.60 -1.08 10.52
CA ALA A 368 -23.52 -1.84 9.90
C ALA A 368 -23.81 -3.33 10.03
N PRO A 369 -23.61 -4.11 8.97
CA PRO A 369 -23.61 -5.57 9.14
C PRO A 369 -22.43 -6.00 9.98
N ASN A 370 -22.61 -7.12 10.67
CA ASN A 370 -21.56 -7.63 11.53
C ASN A 370 -20.49 -8.33 10.70
N LYS A 371 -19.27 -8.35 11.24
CA LYS A 371 -18.23 -9.17 10.64
C LYS A 371 -18.66 -10.64 10.72
N PRO A 372 -18.19 -11.48 9.80
CA PRO A 372 -18.61 -12.89 9.83
C PRO A 372 -17.93 -13.65 10.95
N ASP A 373 -18.65 -14.65 11.46
CA ASP A 373 -18.06 -15.58 12.42
C ASP A 373 -17.32 -16.67 11.66
N GLU A 374 -16.71 -17.60 12.40
CA GLU A 374 -15.90 -18.64 11.76
C GLU A 374 -16.73 -19.47 10.78
N LYS A 375 -17.98 -19.76 11.13
CA LYS A 375 -18.83 -20.55 10.25
C LYS A 375 -19.10 -19.81 8.94
N GLU A 376 -19.55 -18.56 9.03
CA GLU A 376 -19.82 -17.78 7.82
C GLU A 376 -18.56 -17.63 6.98
N LEU A 377 -17.41 -17.39 7.62
CA LEU A 377 -16.16 -17.28 6.87
C LEU A 377 -15.93 -18.50 5.99
N ALA A 378 -16.08 -19.69 6.56
CA ALA A 378 -15.91 -20.92 5.78
C ALA A 378 -16.86 -20.97 4.60
N ARG A 379 -18.03 -20.35 4.72
CA ARG A 379 -19.01 -20.33 3.64
C ARG A 379 -18.64 -19.35 2.54
N ARG A 380 -17.72 -18.42 2.81
CA ARG A 380 -17.37 -17.37 1.87
C ARG A 380 -16.05 -17.66 1.15
N ARG A 381 -15.62 -18.92 1.11
CA ARG A 381 -14.32 -19.26 0.56
C ARG A 381 -14.40 -19.73 -0.89
N GLN A 382 -15.50 -19.46 -1.57
CA GLN A 382 -15.59 -19.72 -3.00
C GLN A 382 -15.10 -18.51 -3.78
N SER A 383 -14.59 -18.76 -4.98
CA SER A 383 -14.16 -17.70 -5.86
C SER A 383 -15.20 -17.47 -6.95
N TYR A 384 -14.85 -16.64 -7.92
CA TYR A 384 -15.75 -16.31 -9.02
C TYR A 384 -14.91 -15.89 -10.22
N GLU A 385 -15.56 -15.79 -11.36
CA GLU A 385 -14.87 -15.47 -12.60
C GLU A 385 -14.52 -13.99 -12.63
N GLY A 386 -13.30 -13.69 -13.10
CA GLY A 386 -12.80 -12.32 -13.12
C GLY A 386 -12.79 -11.70 -14.49
N GLY A 387 -11.72 -10.96 -14.80
CA GLY A 387 -11.65 -10.23 -16.06
C GLY A 387 -11.27 -11.09 -17.23
N TYR A 388 -11.55 -10.56 -18.42
CA TYR A 388 -11.23 -11.22 -19.68
C TYR A 388 -9.88 -10.74 -20.20
N VAL A 389 -9.02 -11.68 -20.55
CA VAL A 389 -7.68 -11.38 -21.06
C VAL A 389 -7.53 -12.04 -22.41
N LYS A 390 -7.42 -11.23 -23.46
CA LYS A 390 -7.27 -11.74 -24.81
C LYS A 390 -5.87 -12.27 -25.03
N GLU A 391 -5.77 -13.42 -25.69
CA GLU A 391 -4.47 -13.91 -26.12
C GLU A 391 -3.91 -12.95 -27.16
N PRO A 392 -2.72 -12.41 -26.97
CA PRO A 392 -2.24 -11.36 -27.87
C PRO A 392 -1.88 -11.91 -29.24
N GLU A 393 -1.95 -11.04 -30.24
CA GLU A 393 -1.37 -11.30 -31.56
C GLU A 393 0.12 -11.00 -31.44
N ARG A 394 0.86 -12.00 -30.99
CA ARG A 394 2.26 -11.81 -30.63
C ARG A 394 3.06 -11.27 -31.82
N GLY A 395 4.10 -10.48 -31.51
CA GLY A 395 5.00 -9.96 -32.51
C GLY A 395 5.17 -8.47 -32.35
N LEU A 396 5.72 -7.85 -33.40
CA LEU A 396 5.99 -6.42 -33.42
C LEU A 396 4.90 -5.70 -34.20
N TRP A 397 4.41 -4.59 -33.64
CA TRP A 397 3.33 -3.82 -34.23
C TRP A 397 3.70 -2.34 -34.26
N GLU A 398 3.06 -1.61 -35.17
CA GLU A 398 3.32 -0.17 -35.32
C GLU A 398 2.00 0.59 -35.28
N ASN A 399 2.11 1.88 -34.95
CA ASN A 399 0.98 2.80 -34.92
C ASN A 399 -0.19 2.21 -34.12
N ILE A 400 0.04 2.13 -32.81
CA ILE A 400 -0.86 1.46 -31.89
C ILE A 400 -1.52 2.50 -30.99
N VAL A 401 -2.84 2.42 -30.87
CA VAL A 401 -3.57 3.22 -29.89
C VAL A 401 -3.99 2.31 -28.76
N TYR A 402 -4.00 2.86 -27.54
CA TYR A 402 -4.43 2.15 -26.36
C TYR A 402 -5.69 2.83 -25.82
N LEU A 403 -6.81 2.11 -25.86
CA LEU A 403 -8.07 2.61 -25.35
C LEU A 403 -8.42 1.82 -24.09
N ASP A 404 -8.89 2.53 -23.07
CA ASP A 404 -9.06 1.92 -21.76
C ASP A 404 -10.23 2.58 -21.04
N PHE A 405 -11.04 1.77 -20.39
CA PHE A 405 -12.18 2.29 -19.64
C PHE A 405 -11.70 3.04 -18.42
N ARG A 406 -12.41 4.13 -18.10
CA ARG A 406 -12.14 4.91 -16.91
C ARG A 406 -12.79 4.24 -15.70
N SER A 407 -11.99 3.91 -14.69
CA SER A 407 -12.47 3.34 -13.44
C SER A 407 -13.61 2.35 -13.68
N LEU A 408 -13.29 1.29 -14.44
CA LEU A 408 -14.34 0.42 -14.96
C LEU A 408 -15.24 -0.14 -13.87
N TYR A 409 -14.69 -1.00 -12.99
CA TYR A 409 -15.53 -1.68 -12.01
C TYR A 409 -16.28 -0.69 -11.14
N PRO A 410 -15.67 0.36 -10.60
CA PRO A 410 -16.47 1.38 -9.90
C PRO A 410 -17.54 2.01 -10.78
N SER A 411 -17.22 2.25 -12.06
CA SER A 411 -18.23 2.80 -12.97
C SER A 411 -19.37 1.82 -13.18
N ILE A 412 -19.05 0.52 -13.27
CA ILE A 412 -20.09 -0.50 -13.38
C ILE A 412 -20.98 -0.46 -12.14
N ILE A 413 -20.36 -0.38 -10.96
CA ILE A 413 -21.12 -0.35 -9.71
C ILE A 413 -22.06 0.85 -9.69
N ILE A 414 -21.56 2.02 -10.13
CA ILE A 414 -22.40 3.21 -10.16
C ILE A 414 -23.51 3.05 -11.19
N THR A 415 -23.15 2.62 -12.40
CA THR A 415 -24.10 2.63 -13.50
C THR A 415 -25.25 1.66 -13.25
N HIS A 416 -24.95 0.45 -12.78
CA HIS A 416 -25.94 -0.60 -12.62
C HIS A 416 -26.38 -0.78 -11.17
N ASN A 417 -25.98 0.14 -10.29
CA ASN A 417 -26.47 0.17 -8.91
C ASN A 417 -26.20 -1.17 -8.21
N VAL A 418 -24.98 -1.67 -8.38
CA VAL A 418 -24.61 -2.99 -7.86
C VAL A 418 -24.29 -2.85 -6.38
N SER A 419 -25.18 -3.35 -5.53
CA SER A 419 -25.03 -3.19 -4.08
C SER A 419 -25.78 -4.32 -3.39
N PRO A 420 -25.34 -4.72 -2.19
CA PRO A 420 -26.10 -5.77 -1.46
C PRO A 420 -27.52 -5.35 -1.12
N ASP A 421 -27.79 -4.05 -1.00
CA ASP A 421 -29.14 -3.59 -0.66
C ASP A 421 -30.03 -3.43 -1.88
N THR A 422 -29.50 -3.60 -3.09
CA THR A 422 -30.30 -3.61 -4.30
C THR A 422 -30.38 -4.98 -4.96
N LEU A 423 -29.59 -5.94 -4.49
CA LEU A 423 -29.57 -7.26 -5.10
C LEU A 423 -30.93 -7.94 -4.96
N ASN A 424 -31.53 -8.29 -6.09
CA ASN A 424 -32.75 -9.10 -6.12
C ASN A 424 -33.80 -8.55 -5.15
N ARG A 425 -33.90 -7.23 -5.08
CA ARG A 425 -34.92 -6.59 -4.27
C ARG A 425 -36.19 -6.45 -5.10
N GLU A 426 -37.30 -6.94 -4.54
CA GLU A 426 -38.58 -6.96 -5.25
C GLU A 426 -39.31 -5.63 -5.08
N GLY A 427 -40.32 -5.43 -5.93
CA GLY A 427 -41.18 -4.27 -5.85
C GLY A 427 -40.71 -3.06 -6.62
N CYS A 428 -39.56 -3.13 -7.29
CA CYS A 428 -39.01 -1.96 -7.96
C CYS A 428 -39.56 -1.84 -9.38
N LYS A 429 -39.54 -0.61 -9.89
CA LYS A 429 -39.97 -0.35 -11.26
C LYS A 429 -38.92 -0.76 -12.29
N GLU A 430 -37.64 -0.70 -11.91
CA GLU A 430 -36.56 -0.82 -12.87
C GLU A 430 -35.45 -1.69 -12.31
N TYR A 431 -34.84 -2.49 -13.19
CA TYR A 431 -33.76 -3.38 -12.82
C TYR A 431 -32.70 -3.41 -13.91
N ASP A 432 -31.46 -3.62 -13.50
CA ASP A 432 -30.38 -4.01 -14.40
C ASP A 432 -29.97 -5.43 -14.07
N VAL A 433 -29.82 -6.26 -15.10
CA VAL A 433 -29.57 -7.69 -14.94
C VAL A 433 -28.15 -7.98 -15.41
N ALA A 434 -27.34 -8.56 -14.54
CA ALA A 434 -25.96 -8.84 -14.87
C ALA A 434 -25.90 -9.97 -15.90
N PRO A 435 -25.04 -9.85 -16.92
CA PRO A 435 -24.93 -10.94 -17.90
C PRO A 435 -24.30 -12.19 -17.30
N GLN A 436 -24.63 -13.33 -17.90
CA GLN A 436 -24.08 -14.62 -17.50
C GLN A 436 -24.58 -15.05 -16.13
N VAL A 437 -24.30 -14.26 -15.09
CA VAL A 437 -24.64 -14.64 -13.73
C VAL A 437 -26.08 -14.29 -13.36
N GLY A 438 -26.73 -13.39 -14.10
CA GLY A 438 -28.16 -13.20 -14.01
C GLY A 438 -28.68 -12.44 -12.80
N HIS A 439 -27.80 -12.00 -11.90
CA HIS A 439 -28.26 -11.27 -10.72
C HIS A 439 -28.94 -9.97 -11.14
N ARG A 440 -30.02 -9.62 -10.43
CA ARG A 440 -30.80 -8.43 -10.73
C ARG A 440 -30.58 -7.39 -9.65
N PHE A 441 -30.55 -6.12 -10.04
CA PHE A 441 -30.28 -5.03 -9.11
C PHE A 441 -31.30 -3.91 -9.31
N CYS A 442 -32.09 -3.65 -8.27
CA CYS A 442 -33.05 -2.56 -8.28
C CYS A 442 -32.37 -1.24 -8.64
N LYS A 443 -33.06 -0.42 -9.44
CA LYS A 443 -32.55 0.88 -9.86
C LYS A 443 -33.36 2.04 -9.29
N ASP A 444 -34.39 1.76 -8.48
CA ASP A 444 -35.30 2.82 -8.06
C ASP A 444 -34.64 3.80 -7.10
N PHE A 445 -33.64 3.36 -6.36
CA PHE A 445 -32.95 4.20 -5.39
C PHE A 445 -31.46 3.91 -5.44
N PRO A 446 -30.61 4.89 -5.16
CA PRO A 446 -29.16 4.62 -5.17
C PRO A 446 -28.79 3.63 -4.07
N GLY A 447 -28.03 2.62 -4.44
CA GLY A 447 -27.47 1.72 -3.44
C GLY A 447 -26.46 2.43 -2.56
N PHE A 448 -26.28 1.86 -1.36
CA PHE A 448 -25.37 2.46 -0.39
C PHE A 448 -24.01 2.74 -1.00
N ILE A 449 -23.31 1.69 -1.44
CA ILE A 449 -21.95 1.83 -1.95
C ILE A 449 -21.97 2.57 -3.28
N PRO A 450 -22.81 2.19 -4.24
CA PRO A 450 -22.87 2.97 -5.50
C PRO A 450 -23.01 4.47 -5.27
N SER A 451 -23.81 4.87 -4.28
CA SER A 451 -23.99 6.29 -4.00
C SER A 451 -22.74 6.96 -3.44
N LEU A 452 -21.72 6.19 -3.09
CA LEU A 452 -20.51 6.74 -2.48
C LEU A 452 -19.31 6.76 -3.39
N LEU A 453 -19.26 5.88 -4.40
CA LEU A 453 -18.10 5.85 -5.30
C LEU A 453 -18.05 7.06 -6.22
N GLY A 454 -19.19 7.71 -6.48
CA GLY A 454 -19.19 8.83 -7.39
C GLY A 454 -18.23 9.93 -6.96
N ASP A 455 -18.25 10.30 -5.69
CA ASP A 455 -17.41 11.40 -5.21
C ASP A 455 -15.94 11.04 -5.27
N LEU A 456 -15.59 9.77 -5.01
CA LEU A 456 -14.19 9.36 -5.12
C LEU A 456 -13.69 9.50 -6.56
N LEU A 457 -14.47 9.00 -7.52
CA LEU A 457 -14.08 9.15 -8.91
C LEU A 457 -14.03 10.62 -9.31
N GLU A 458 -14.99 11.42 -8.82
CA GLU A 458 -14.93 12.86 -9.05
C GLU A 458 -13.61 13.43 -8.59
N GLU A 459 -13.23 13.17 -7.34
CA GLU A 459 -12.00 13.72 -6.80
C GLU A 459 -10.79 13.27 -7.61
N ARG A 460 -10.74 11.98 -7.97
CA ARG A 460 -9.60 11.47 -8.73
C ARG A 460 -9.44 12.24 -10.04
N GLN A 461 -10.52 12.39 -10.80
CA GLN A 461 -10.42 13.03 -12.11
C GLN A 461 -10.01 14.49 -11.99
N LYS A 462 -10.50 15.18 -10.95
CA LYS A 462 -10.01 16.53 -10.68
C LYS A 462 -8.49 16.54 -10.50
N ILE A 463 -7.97 15.57 -9.75
CA ILE A 463 -6.52 15.48 -9.55
C ILE A 463 -5.83 15.21 -10.88
N LYS A 464 -6.36 14.27 -11.66
CA LYS A 464 -5.73 13.94 -12.94
C LYS A 464 -5.70 15.15 -13.88
N LYS A 465 -6.79 15.94 -13.90
CA LYS A 465 -6.80 17.13 -14.74
C LYS A 465 -5.76 18.14 -14.28
N LYS A 466 -5.71 18.39 -12.97
CA LYS A 466 -4.67 19.26 -12.42
C LYS A 466 -3.28 18.71 -12.75
N MET A 467 -3.10 17.41 -12.55
CA MET A 467 -1.81 16.77 -12.83
C MET A 467 -1.32 17.09 -14.24
N LYS A 468 -2.14 16.74 -15.25
CA LYS A 468 -1.73 16.93 -16.63
C LYS A 468 -1.37 18.39 -16.92
N ALA A 469 -1.94 19.33 -16.15
CA ALA A 469 -1.70 20.76 -16.34
C ALA A 469 -0.71 21.31 -15.32
N THR A 470 0.17 20.47 -14.79
CA THR A 470 1.15 20.88 -13.78
C THR A 470 2.51 20.97 -14.43
N ILE A 471 3.18 22.12 -14.23
CA ILE A 471 4.49 22.33 -14.82
C ILE A 471 5.57 21.57 -14.04
N ASP A 472 5.59 21.75 -12.73
CA ASP A 472 6.64 21.16 -11.90
C ASP A 472 6.59 19.63 -12.00
N PRO A 473 7.67 18.97 -12.42
CA PRO A 473 7.61 17.51 -12.56
C PRO A 473 7.47 16.80 -11.22
N ILE A 474 7.98 17.36 -10.13
CA ILE A 474 7.85 16.73 -8.83
C ILE A 474 6.42 16.83 -8.33
N GLU A 475 5.83 18.03 -8.40
CA GLU A 475 4.43 18.18 -8.02
C GLU A 475 3.53 17.28 -8.87
N ARG A 476 3.83 17.17 -10.17
CA ARG A 476 3.04 16.31 -11.03
C ARG A 476 3.17 14.85 -10.62
N LYS A 477 4.39 14.41 -10.31
CA LYS A 477 4.59 13.03 -9.86
C LYS A 477 3.81 12.75 -8.58
N LEU A 478 3.80 13.72 -7.65
CA LEU A 478 3.04 13.54 -6.41
C LEU A 478 1.54 13.48 -6.68
N LEU A 479 1.04 14.33 -7.59
CA LEU A 479 -0.36 14.25 -7.96
C LEU A 479 -0.68 12.91 -8.61
N ASP A 480 0.25 12.40 -9.43
CA ASP A 480 0.06 11.07 -10.02
C ASP A 480 -0.10 10.02 -8.93
N TYR A 481 0.78 10.04 -7.92
CA TYR A 481 0.63 9.14 -6.78
C TYR A 481 -0.72 9.35 -6.11
N ARG A 482 -1.16 10.59 -5.99
CA ARG A 482 -2.39 10.91 -5.30
C ARG A 482 -3.58 10.30 -6.01
N GLN A 483 -3.72 10.57 -7.31
CA GLN A 483 -4.87 10.05 -8.05
C GLN A 483 -4.82 8.53 -8.17
N ARG A 484 -3.62 7.96 -8.26
CA ARG A 484 -3.49 6.51 -8.32
C ARG A 484 -3.94 5.86 -7.02
N ALA A 485 -3.71 6.51 -5.88
CA ALA A 485 -4.14 5.97 -4.61
C ALA A 485 -5.67 5.91 -4.52
N ILE A 486 -6.35 6.95 -5.00
CA ILE A 486 -7.81 6.94 -5.00
C ILE A 486 -8.32 5.90 -6.01
N LYS A 487 -7.62 5.74 -7.12
CA LYS A 487 -7.98 4.71 -8.08
C LYS A 487 -7.97 3.33 -7.42
N ILE A 488 -6.89 3.01 -6.71
CA ILE A 488 -6.78 1.70 -6.06
C ILE A 488 -7.82 1.58 -4.96
N LEU A 489 -8.04 2.67 -4.21
CA LEU A 489 -9.07 2.67 -3.18
C LEU A 489 -10.45 2.38 -3.77
N ALA A 490 -10.82 3.12 -4.81
CA ALA A 490 -12.13 2.91 -5.44
C ALA A 490 -12.28 1.47 -5.91
N ASN A 491 -11.25 0.92 -6.55
CA ASN A 491 -11.31 -0.47 -7.00
C ASN A 491 -11.37 -1.45 -5.85
N SER A 492 -10.89 -1.06 -4.66
CA SER A 492 -10.95 -1.96 -3.51
C SER A 492 -12.37 -2.10 -2.97
N TYR A 493 -13.28 -1.18 -3.33
CA TYR A 493 -14.68 -1.37 -2.96
C TYR A 493 -15.28 -2.54 -3.72
N TYR A 494 -14.91 -2.71 -4.99
CA TYR A 494 -15.30 -3.91 -5.71
C TYR A 494 -14.77 -5.15 -5.01
N GLY A 495 -13.45 -5.22 -4.81
CA GLY A 495 -12.88 -6.38 -4.16
C GLY A 495 -13.47 -6.62 -2.78
N TYR A 496 -13.79 -5.54 -2.07
CA TYR A 496 -14.43 -5.65 -0.77
C TYR A 496 -15.69 -6.51 -0.85
N TYR A 497 -16.44 -6.43 -1.94
CA TYR A 497 -17.62 -7.27 -2.11
C TYR A 497 -17.26 -8.76 -2.04
N GLY A 498 -16.10 -9.13 -2.54
CA GLY A 498 -15.69 -10.53 -2.54
C GLY A 498 -14.68 -10.84 -1.44
N TYR A 499 -14.61 -9.97 -0.44
CA TYR A 499 -13.67 -10.12 0.66
C TYR A 499 -14.35 -10.85 1.80
N ALA A 500 -13.81 -12.02 2.18
CA ALA A 500 -14.51 -12.92 3.08
C ALA A 500 -14.82 -12.26 4.43
N ARG A 501 -13.97 -11.34 4.88
CA ARG A 501 -14.15 -10.72 6.19
C ARG A 501 -14.99 -9.45 6.13
N ALA A 502 -15.42 -9.03 4.95
CA ALA A 502 -16.12 -7.76 4.79
C ALA A 502 -17.46 -7.78 5.50
N ARG A 503 -17.84 -6.64 6.08
CA ARG A 503 -19.19 -6.47 6.60
C ARG A 503 -20.21 -6.47 5.46
N TRP A 504 -20.04 -5.56 4.50
CA TRP A 504 -20.93 -5.48 3.35
C TRP A 504 -20.48 -6.44 2.25
N TYR A 505 -20.17 -7.67 2.63
CA TYR A 505 -19.84 -8.72 1.68
C TYR A 505 -21.02 -8.98 0.75
N CYS A 506 -20.71 -9.25 -0.53
CA CYS A 506 -21.75 -9.54 -1.52
C CYS A 506 -21.06 -10.16 -2.74
N LYS A 507 -20.89 -11.48 -2.71
CA LYS A 507 -20.20 -12.14 -3.81
C LYS A 507 -21.00 -12.07 -5.10
N GLU A 508 -22.34 -12.04 -4.99
CA GLU A 508 -23.16 -11.81 -6.19
C GLU A 508 -22.82 -10.47 -6.82
N CYS A 509 -22.68 -9.43 -6.00
CA CYS A 509 -22.28 -8.12 -6.52
C CYS A 509 -20.92 -8.21 -7.19
N ALA A 510 -19.96 -8.89 -6.56
CA ALA A 510 -18.61 -8.96 -7.11
C ALA A 510 -18.61 -9.61 -8.49
N GLU A 511 -19.19 -10.79 -8.61
CA GLU A 511 -19.16 -11.50 -9.89
C GLU A 511 -20.08 -10.85 -10.92
N SER A 512 -21.01 -10.00 -10.48
CA SER A 512 -21.80 -9.23 -11.45
C SER A 512 -20.96 -8.11 -12.04
N VAL A 513 -20.15 -7.44 -11.23
CA VAL A 513 -19.25 -6.41 -11.74
C VAL A 513 -18.34 -6.99 -12.80
N THR A 514 -17.68 -8.12 -12.50
CA THR A 514 -16.75 -8.72 -13.44
C THR A 514 -17.48 -9.19 -14.70
N ALA A 515 -18.68 -9.75 -14.53
CA ALA A 515 -19.45 -10.20 -15.68
C ALA A 515 -19.75 -9.03 -16.62
N TRP A 516 -20.27 -7.92 -16.08
CA TRP A 516 -20.48 -6.73 -16.90
C TRP A 516 -19.18 -6.27 -17.54
N GLY A 517 -18.07 -6.32 -16.80
CA GLY A 517 -16.80 -5.91 -17.36
C GLY A 517 -16.40 -6.76 -18.56
N ARG A 518 -16.55 -8.07 -18.43
CA ARG A 518 -16.27 -8.95 -19.56
C ARG A 518 -17.16 -8.63 -20.75
N GLU A 519 -18.43 -8.31 -20.49
CA GLU A 519 -19.34 -7.97 -21.58
C GLU A 519 -18.92 -6.67 -22.27
N TYR A 520 -18.56 -5.66 -21.49
CA TYR A 520 -18.27 -4.35 -22.08
C TYR A 520 -17.01 -4.41 -22.95
N ILE A 521 -15.96 -5.09 -22.48
CA ILE A 521 -14.72 -5.07 -23.23
C ILE A 521 -14.83 -5.87 -24.51
N THR A 522 -15.49 -7.04 -24.46
CA THR A 522 -15.64 -7.84 -25.66
C THR A 522 -16.58 -7.17 -26.65
N MET A 523 -17.61 -6.46 -26.16
CA MET A 523 -18.46 -5.67 -27.04
C MET A 523 -17.67 -4.56 -27.72
N THR A 524 -16.84 -3.86 -26.96
CA THR A 524 -16.03 -2.79 -27.54
C THR A 524 -15.08 -3.34 -28.60
N ILE A 525 -14.46 -4.49 -28.33
CA ILE A 525 -13.54 -5.09 -29.29
C ILE A 525 -14.27 -5.42 -30.58
N LYS A 526 -15.39 -6.13 -30.48
CA LYS A 526 -16.19 -6.44 -31.66
C LYS A 526 -16.61 -5.17 -32.38
N GLU A 527 -16.88 -4.10 -31.62
CA GLU A 527 -17.40 -2.88 -32.21
C GLU A 527 -16.32 -2.14 -33.00
N ILE A 528 -15.11 -2.04 -32.43
CA ILE A 528 -14.05 -1.31 -33.12
C ILE A 528 -13.57 -2.08 -34.34
N GLU A 529 -13.67 -3.40 -34.32
CA GLU A 529 -13.19 -4.21 -35.43
C GLU A 529 -14.18 -4.23 -36.58
N GLU A 530 -15.46 -4.44 -36.28
CA GLU A 530 -16.46 -4.59 -37.33
C GLU A 530 -16.88 -3.26 -37.94
N LYS A 531 -16.92 -2.19 -37.16
CA LYS A 531 -17.40 -0.90 -37.66
C LYS A 531 -16.28 0.02 -38.12
N TYR A 532 -15.07 -0.11 -37.57
CA TYR A 532 -13.98 0.82 -37.89
C TYR A 532 -12.76 0.12 -38.46
N GLY A 533 -12.85 -1.19 -38.74
CA GLY A 533 -11.76 -1.89 -39.40
C GLY A 533 -10.48 -1.94 -38.61
N PHE A 534 -10.52 -1.69 -37.30
CA PHE A 534 -9.33 -1.84 -36.48
C PHE A 534 -8.99 -3.31 -36.29
N LYS A 535 -7.74 -3.55 -35.92
CA LYS A 535 -7.29 -4.87 -35.50
C LYS A 535 -6.86 -4.79 -34.04
N VAL A 536 -7.56 -5.52 -33.18
CA VAL A 536 -7.23 -5.54 -31.76
C VAL A 536 -6.06 -6.48 -31.55
N ILE A 537 -4.95 -5.93 -31.06
CA ILE A 537 -3.73 -6.71 -30.89
C ILE A 537 -3.75 -7.46 -29.56
N TYR A 538 -4.25 -6.82 -28.51
CA TYR A 538 -4.18 -7.38 -27.16
C TYR A 538 -5.14 -6.61 -26.28
N SER A 539 -5.77 -7.32 -25.34
CA SER A 539 -6.74 -6.71 -24.44
C SER A 539 -6.68 -7.39 -23.08
N ASP A 540 -6.86 -6.59 -22.02
CA ASP A 540 -6.84 -7.09 -20.65
C ASP A 540 -7.93 -6.38 -19.85
N THR A 541 -9.02 -7.10 -19.58
CA THR A 541 -10.04 -6.66 -18.62
C THR A 541 -10.86 -5.46 -19.11
N ASP A 542 -10.21 -4.33 -19.38
CA ASP A 542 -10.96 -3.11 -19.70
C ASP A 542 -10.25 -2.20 -20.68
N GLY A 543 -9.16 -2.64 -21.33
CA GLY A 543 -8.48 -1.83 -22.31
C GLY A 543 -7.87 -2.74 -23.35
N PHE A 544 -7.48 -2.14 -24.47
CA PHE A 544 -6.88 -2.92 -25.54
C PHE A 544 -5.94 -2.05 -26.36
N PHE A 545 -5.00 -2.72 -27.02
CA PHE A 545 -4.12 -2.10 -28.00
C PHE A 545 -4.62 -2.47 -29.39
N ALA A 546 -4.73 -1.46 -30.26
CA ALA A 546 -5.29 -1.70 -31.58
C ALA A 546 -4.61 -0.77 -32.59
N THR A 547 -4.75 -1.14 -33.85
CA THR A 547 -4.23 -0.35 -34.97
C THR A 547 -5.07 -0.65 -36.19
N ILE A 548 -4.84 0.13 -37.24
CA ILE A 548 -5.36 -0.16 -38.58
C ILE A 548 -4.18 -0.64 -39.41
N PRO A 549 -4.06 -1.93 -39.73
CA PRO A 549 -2.86 -2.41 -40.42
C PRO A 549 -2.71 -1.76 -41.78
N GLY A 550 -1.58 -1.07 -41.98
CA GLY A 550 -1.32 -0.35 -43.20
C GLY A 550 -1.49 1.15 -43.09
N ALA A 551 -2.27 1.62 -42.12
CA ALA A 551 -2.52 3.04 -41.95
C ALA A 551 -1.35 3.71 -41.23
N ASP A 552 -1.18 5.00 -41.51
CA ASP A 552 -0.15 5.79 -40.85
C ASP A 552 -0.67 6.30 -39.50
N ALA A 553 0.21 6.97 -38.76
CA ALA A 553 -0.15 7.43 -37.41
C ALA A 553 -1.35 8.37 -37.46
N GLU A 554 -1.30 9.38 -38.34
CA GLU A 554 -2.40 10.33 -38.45
C GLU A 554 -3.73 9.61 -38.57
N THR A 555 -3.81 8.62 -39.47
CA THR A 555 -5.07 7.95 -39.74
C THR A 555 -5.55 7.16 -38.53
N VAL A 556 -4.66 6.41 -37.88
CA VAL A 556 -5.08 5.59 -36.74
C VAL A 556 -5.60 6.49 -35.62
N LYS A 557 -4.90 7.58 -35.32
CA LYS A 557 -5.37 8.50 -34.29
C LYS A 557 -6.74 9.06 -34.64
N LYS A 558 -6.90 9.55 -35.87
CA LYS A 558 -8.17 10.13 -36.29
C LYS A 558 -9.31 9.13 -36.11
N LYS A 559 -9.17 7.94 -36.68
CA LYS A 559 -10.24 6.95 -36.59
C LYS A 559 -10.46 6.47 -35.16
N ALA A 560 -9.41 6.48 -34.33
CA ALA A 560 -9.57 6.12 -32.93
C ALA A 560 -10.48 7.10 -32.22
N MET A 561 -10.24 8.40 -32.41
CA MET A 561 -11.11 9.42 -31.82
C MET A 561 -12.54 9.27 -32.31
N GLU A 562 -12.72 8.94 -33.59
CA GLU A 562 -14.06 8.77 -34.13
C GLU A 562 -14.78 7.60 -33.47
N PHE A 563 -14.06 6.49 -33.22
CA PHE A 563 -14.67 5.37 -32.53
C PHE A 563 -15.05 5.74 -31.11
N LEU A 564 -14.20 6.50 -30.42
CA LEU A 564 -14.46 6.88 -29.04
C LEU A 564 -15.78 7.65 -28.93
N LYS A 565 -15.96 8.67 -29.77
CA LYS A 565 -17.22 9.41 -29.76
C LYS A 565 -18.40 8.48 -30.00
N TYR A 566 -18.25 7.56 -30.96
CA TYR A 566 -19.34 6.63 -31.28
C TYR A 566 -19.64 5.70 -30.11
N ILE A 567 -18.61 5.07 -29.55
CA ILE A 567 -18.84 4.07 -28.51
C ILE A 567 -19.28 4.74 -27.22
N ASN A 568 -18.73 5.91 -26.91
CA ASN A 568 -19.11 6.60 -25.69
C ASN A 568 -20.55 7.09 -25.74
N ALA A 569 -21.09 7.32 -26.94
CA ALA A 569 -22.50 7.68 -27.05
C ALA A 569 -23.40 6.48 -26.79
N LYS A 570 -22.89 5.26 -27.03
CA LYS A 570 -23.66 4.05 -26.77
C LYS A 570 -23.54 3.56 -25.34
N LEU A 571 -22.49 3.94 -24.62
CA LEU A 571 -22.26 3.42 -23.28
C LEU A 571 -23.12 4.16 -22.26
N PRO A 572 -23.70 3.44 -21.29
CA PRO A 572 -24.57 4.09 -20.30
C PRO A 572 -23.81 4.68 -19.12
N GLY A 573 -24.48 5.62 -18.45
CA GLY A 573 -24.00 6.12 -17.18
C GLY A 573 -22.55 6.56 -17.20
N ALA A 574 -21.79 6.05 -16.23
CA ALA A 574 -20.40 6.44 -16.01
C ALA A 574 -19.42 5.62 -16.82
N LEU A 575 -19.89 4.74 -17.70
CA LEU A 575 -18.98 3.98 -18.56
C LEU A 575 -18.43 4.90 -19.63
N GLU A 576 -17.12 5.01 -19.71
CA GLU A 576 -16.47 5.82 -20.73
C GLU A 576 -15.16 5.17 -21.15
N LEU A 577 -14.97 5.02 -22.44
CA LEU A 577 -13.70 4.55 -22.99
C LEU A 577 -12.79 5.75 -23.22
N GLU A 578 -11.55 5.65 -22.77
CA GLU A 578 -10.60 6.75 -22.81
C GLU A 578 -9.49 6.49 -23.82
N TYR A 579 -9.02 7.56 -24.45
CA TYR A 579 -7.83 7.52 -25.28
C TYR A 579 -6.63 7.65 -24.34
N GLU A 580 -5.96 6.54 -24.06
CA GLU A 580 -4.94 6.51 -23.03
C GLU A 580 -3.52 6.55 -23.59
N GLY A 581 -3.33 6.31 -24.88
CA GLY A 581 -1.99 6.41 -25.44
C GLY A 581 -1.86 6.00 -26.89
N PHE A 582 -0.85 6.57 -27.56
CA PHE A 582 -0.44 6.16 -28.89
C PHE A 582 1.02 5.75 -28.83
N TYR A 583 1.36 4.67 -29.54
CA TYR A 583 2.70 4.12 -29.49
C TYR A 583 3.18 3.79 -30.89
N LYS A 584 4.36 4.29 -31.24
CA LYS A 584 4.90 4.10 -32.58
C LYS A 584 5.19 2.63 -32.85
N ARG A 585 5.68 1.92 -31.85
CA ARG A 585 5.96 0.48 -31.97
C ARG A 585 5.55 -0.20 -30.68
N GLY A 586 5.37 -1.52 -30.78
CA GLY A 586 5.01 -2.32 -29.63
C GLY A 586 5.26 -3.79 -29.87
N PHE A 587 5.80 -4.48 -28.87
CA PHE A 587 6.09 -5.90 -28.96
C PHE A 587 5.33 -6.62 -27.85
N PHE A 588 4.53 -7.61 -28.23
CA PHE A 588 3.69 -8.36 -27.30
C PHE A 588 4.16 -9.80 -27.28
N VAL A 589 4.50 -10.29 -26.09
CA VAL A 589 5.12 -11.60 -25.95
C VAL A 589 4.07 -12.62 -25.57
N THR A 590 3.36 -12.39 -24.47
CA THR A 590 2.30 -13.27 -24.01
C THR A 590 1.27 -12.41 -23.28
N LYS A 591 0.25 -13.08 -22.73
CA LYS A 591 -0.66 -12.39 -21.83
C LYS A 591 0.12 -11.75 -20.69
N LYS A 592 -0.14 -10.47 -20.46
CA LYS A 592 0.41 -9.69 -19.35
C LYS A 592 1.87 -9.29 -19.57
N LYS A 593 2.47 -9.59 -20.72
CA LYS A 593 3.89 -9.32 -20.96
C LYS A 593 4.06 -8.68 -22.34
N TYR A 594 4.47 -7.42 -22.35
CA TYR A 594 4.64 -6.67 -23.60
C TYR A 594 5.39 -5.39 -23.28
N ALA A 595 5.79 -4.68 -24.34
CA ALA A 595 6.50 -3.42 -24.21
C ALA A 595 6.15 -2.52 -25.38
N VAL A 596 5.86 -1.24 -25.08
CA VAL A 596 5.47 -0.27 -26.08
C VAL A 596 6.35 0.96 -25.95
N ILE A 597 6.55 1.66 -27.06
CA ILE A 597 7.32 2.90 -27.10
C ILE A 597 6.47 3.98 -27.73
N ASP A 598 6.41 5.14 -27.07
CA ASP A 598 5.62 6.25 -27.56
C ASP A 598 6.43 7.11 -28.52
N GLU A 599 5.82 8.20 -28.99
CA GLU A 599 6.47 9.05 -29.99
C GLU A 599 7.59 9.90 -29.41
N GLU A 600 7.68 10.02 -28.09
CA GLU A 600 8.80 10.71 -27.46
C GLU A 600 10.00 9.82 -27.24
N GLY A 601 9.85 8.50 -27.43
CA GLY A 601 10.93 7.56 -27.19
C GLY A 601 10.87 6.84 -25.86
N LYS A 602 9.85 7.10 -25.04
CA LYS A 602 9.72 6.46 -23.75
C LYS A 602 9.14 5.06 -23.92
N ILE A 603 9.83 4.07 -23.37
CA ILE A 603 9.37 2.68 -23.42
C ILE A 603 8.60 2.36 -22.15
N THR A 604 7.52 1.59 -22.30
CA THR A 604 6.72 1.11 -21.19
C THR A 604 6.66 -0.40 -21.28
N THR A 605 7.18 -1.09 -20.27
CA THR A 605 7.22 -2.53 -20.25
C THR A 605 6.31 -3.05 -19.12
N ARG A 606 5.52 -4.07 -19.43
CA ARG A 606 4.64 -4.70 -18.47
C ARG A 606 4.98 -6.18 -18.38
N GLY A 607 5.10 -6.69 -17.15
CA GLY A 607 5.20 -8.11 -16.92
C GLY A 607 6.50 -8.77 -17.33
N LEU A 608 7.26 -8.14 -18.22
CA LEU A 608 8.50 -8.73 -18.69
C LEU A 608 9.51 -8.81 -17.55
N GLU A 609 10.50 -9.69 -17.74
CA GLU A 609 11.48 -9.94 -16.68
C GLU A 609 12.16 -8.65 -16.23
N ILE A 610 12.22 -7.64 -17.10
CA ILE A 610 12.84 -6.36 -16.74
C ILE A 610 12.23 -5.79 -15.47
N VAL A 611 10.95 -6.03 -15.23
CA VAL A 611 10.23 -5.41 -14.12
C VAL A 611 10.12 -6.31 -12.90
N ARG A 612 10.61 -7.55 -12.98
CA ARG A 612 10.43 -8.53 -11.92
C ARG A 612 11.57 -8.46 -10.92
N ARG A 613 11.23 -8.44 -9.63
CA ARG A 613 12.23 -8.38 -8.58
C ARG A 613 12.99 -9.68 -8.41
N ASP A 614 12.46 -10.80 -8.91
CA ASP A 614 13.03 -12.12 -8.67
C ASP A 614 13.85 -12.65 -9.84
N TRP A 615 14.27 -11.78 -10.75
CA TRP A 615 15.15 -12.17 -11.84
C TRP A 615 16.51 -11.49 -11.69
N SER A 616 17.52 -12.11 -12.29
CA SER A 616 18.87 -11.61 -12.15
C SER A 616 19.03 -10.28 -12.87
N GLU A 617 19.80 -9.37 -12.26
CA GLU A 617 20.01 -8.06 -12.86
C GLU A 617 20.59 -8.17 -14.26
N ILE A 618 21.44 -9.17 -14.51
CA ILE A 618 22.05 -9.30 -15.84
C ILE A 618 21.01 -9.72 -16.86
N ALA A 619 20.03 -10.54 -16.46
CA ALA A 619 18.96 -10.92 -17.37
C ALA A 619 18.05 -9.72 -17.66
N LYS A 620 17.72 -8.95 -16.62
CA LYS A 620 16.92 -7.75 -16.83
C LYS A 620 17.70 -6.68 -17.59
N GLU A 621 18.96 -6.47 -17.22
CA GLU A 621 19.79 -5.51 -17.94
C GLU A 621 19.88 -5.86 -19.42
N THR A 622 19.97 -7.15 -19.74
CA THR A 622 20.12 -7.57 -21.13
C THR A 622 18.83 -7.38 -21.90
N GLN A 623 17.70 -7.83 -21.33
CA GLN A 623 16.42 -7.70 -22.01
C GLN A 623 16.06 -6.24 -22.24
N ALA A 624 16.40 -5.36 -21.29
CA ALA A 624 16.17 -3.94 -21.46
C ALA A 624 16.94 -3.40 -22.66
N ARG A 625 18.24 -3.69 -22.71
CA ARG A 625 19.05 -3.25 -23.84
C ARG A 625 18.53 -3.81 -25.15
N VAL A 626 18.02 -5.04 -25.13
CA VAL A 626 17.43 -5.64 -26.33
C VAL A 626 16.23 -4.82 -26.78
N LEU A 627 15.25 -4.64 -25.90
CA LEU A 627 14.05 -3.89 -26.25
C LEU A 627 14.41 -2.50 -26.76
N GLU A 628 15.30 -1.80 -26.05
CA GLU A 628 15.72 -0.48 -26.48
C GLU A 628 16.22 -0.51 -27.92
N ALA A 629 16.99 -1.54 -28.27
CA ALA A 629 17.52 -1.64 -29.63
C ALA A 629 16.43 -1.94 -30.64
N LEU A 630 15.37 -2.64 -30.24
CA LEU A 630 14.29 -2.97 -31.16
C LEU A 630 13.29 -1.82 -31.30
N LEU A 631 12.73 -1.37 -30.18
CA LEU A 631 11.67 -0.38 -30.23
C LEU A 631 12.21 1.01 -30.56
N LYS A 632 13.21 1.47 -29.81
CA LYS A 632 13.70 2.83 -30.00
C LYS A 632 14.39 2.98 -31.34
N ASP A 633 15.08 1.95 -31.81
CA ASP A 633 15.67 1.90 -33.13
C ASP A 633 14.88 0.90 -33.98
N GLY A 634 15.56 0.21 -34.88
CA GLY A 634 14.99 -0.91 -35.61
C GLY A 634 16.06 -1.93 -35.88
N ASP A 635 17.13 -1.89 -35.08
CA ASP A 635 18.34 -2.65 -35.33
C ASP A 635 18.28 -3.95 -34.50
N VAL A 636 17.62 -4.95 -35.08
CA VAL A 636 17.58 -6.27 -34.44
C VAL A 636 18.99 -6.84 -34.36
N GLU A 637 19.83 -6.54 -35.35
CA GLU A 637 21.20 -7.04 -35.33
C GLU A 637 21.98 -6.49 -34.15
N LYS A 638 21.68 -5.25 -33.74
CA LYS A 638 22.32 -4.69 -32.56
C LYS A 638 21.92 -5.45 -31.30
N ALA A 639 20.64 -5.76 -31.16
CA ALA A 639 20.17 -6.54 -30.02
C ALA A 639 20.98 -7.84 -29.90
N VAL A 640 21.27 -8.48 -31.03
CA VAL A 640 21.98 -9.75 -30.99
C VAL A 640 23.46 -9.56 -30.68
N ARG A 641 23.99 -8.35 -30.82
CA ARG A 641 25.37 -8.11 -30.43
C ARG A 641 25.48 -7.90 -28.91
N ILE A 642 24.48 -7.27 -28.30
CA ILE A 642 24.47 -7.09 -26.85
C ILE A 642 24.38 -8.44 -26.15
N VAL A 643 23.52 -9.33 -26.66
CA VAL A 643 23.29 -10.60 -25.99
C VAL A 643 24.53 -11.48 -26.09
N LYS A 644 25.08 -11.66 -27.30
CA LYS A 644 26.30 -12.43 -27.43
C LYS A 644 27.44 -11.75 -26.71
N GLU A 645 27.36 -10.43 -26.55
CA GLU A 645 28.30 -9.71 -25.69
C GLU A 645 28.14 -10.11 -24.23
N VAL A 646 26.96 -10.61 -23.84
CA VAL A 646 26.72 -10.96 -22.44
C VAL A 646 27.02 -12.43 -22.17
N THR A 647 26.61 -13.33 -23.07
CA THR A 647 27.00 -14.73 -22.93
C THR A 647 28.52 -14.84 -22.79
N GLU A 648 29.25 -14.31 -23.76
CA GLU A 648 30.65 -13.98 -23.53
C GLU A 648 30.71 -12.91 -22.45
N LYS A 649 31.64 -13.08 -21.50
CA LYS A 649 31.71 -12.36 -20.24
C LYS A 649 31.26 -13.28 -19.12
N LEU A 650 29.98 -13.65 -19.14
CA LEU A 650 29.49 -14.68 -18.22
C LEU A 650 30.33 -15.94 -18.34
N SER A 651 30.59 -16.38 -19.58
CA SER A 651 31.49 -17.49 -19.79
C SER A 651 32.87 -17.19 -19.24
N LYS A 652 33.34 -15.96 -19.42
CA LYS A 652 34.67 -15.55 -18.95
C LYS A 652 34.68 -15.02 -17.53
N TYR A 653 33.53 -15.02 -16.84
CA TYR A 653 33.45 -14.53 -15.47
C TYR A 653 33.81 -13.04 -15.38
N GLU A 654 33.60 -12.31 -16.46
CA GLU A 654 33.86 -10.87 -16.48
C GLU A 654 32.67 -10.06 -16.02
N VAL A 655 31.56 -10.70 -15.69
CA VAL A 655 30.38 -10.00 -15.19
C VAL A 655 30.49 -9.88 -13.68
N PRO A 656 30.28 -8.71 -13.09
CA PRO A 656 30.26 -8.61 -11.63
C PRO A 656 29.23 -9.55 -11.05
N PRO A 657 29.61 -10.37 -10.06
CA PRO A 657 28.62 -11.30 -9.48
C PRO A 657 27.47 -10.58 -8.79
N GLU A 658 27.61 -9.28 -8.51
CA GLU A 658 26.51 -8.52 -7.94
C GLU A 658 25.31 -8.48 -8.89
N LYS A 659 25.55 -8.62 -10.20
CA LYS A 659 24.47 -8.66 -11.17
C LYS A 659 23.87 -10.04 -11.34
N LEU A 660 24.28 -11.00 -10.51
CA LEU A 660 23.80 -12.37 -10.59
C LEU A 660 22.97 -12.77 -9.38
N VAL A 661 22.72 -11.83 -8.46
CA VAL A 661 21.98 -12.16 -7.25
C VAL A 661 20.51 -12.30 -7.59
N ILE A 662 19.88 -13.33 -7.01
CA ILE A 662 18.45 -13.57 -7.15
C ILE A 662 17.79 -13.26 -5.81
N HIS A 663 16.70 -12.51 -5.84
CA HIS A 663 15.99 -12.11 -4.64
C HIS A 663 14.61 -12.76 -4.65
N GLU A 664 14.33 -13.55 -3.62
CA GLU A 664 13.04 -14.22 -3.48
C GLU A 664 12.63 -14.23 -2.03
N GLN A 665 11.40 -13.79 -1.76
CA GLN A 665 10.91 -13.62 -0.40
C GLN A 665 10.47 -14.94 0.20
N ILE A 666 10.72 -15.11 1.50
CA ILE A 666 10.10 -16.16 2.28
C ILE A 666 8.74 -15.65 2.76
N THR A 667 7.70 -16.44 2.55
CA THR A 667 6.33 -16.00 2.78
C THR A 667 5.65 -16.74 3.92
N ARG A 668 6.34 -17.63 4.63
CA ARG A 668 5.69 -18.47 5.64
C ARG A 668 6.77 -19.11 6.50
N ASP A 669 6.31 -19.81 7.54
CA ASP A 669 7.21 -20.66 8.31
C ASP A 669 7.86 -21.67 7.38
N LEU A 670 9.17 -21.85 7.51
CA LEU A 670 9.88 -22.79 6.65
C LEU A 670 9.29 -24.18 6.74
N LYS A 671 8.72 -24.55 7.89
CA LYS A 671 8.12 -25.88 8.03
C LYS A 671 6.92 -26.04 7.10
N ASP A 672 6.23 -24.95 6.78
CA ASP A 672 4.97 -25.00 6.05
C ASP A 672 5.16 -25.06 4.54
N TYR A 673 6.38 -25.00 4.03
CA TYR A 673 6.60 -25.15 2.60
C TYR A 673 6.39 -26.60 2.18
N LYS A 674 5.69 -26.78 1.06
CA LYS A 674 5.51 -28.11 0.47
C LYS A 674 6.64 -28.44 -0.50
N ALA A 675 7.09 -27.46 -1.26
CA ALA A 675 8.15 -27.65 -2.24
C ALA A 675 9.30 -26.72 -1.90
N THR A 676 10.52 -27.24 -1.99
CA THR A 676 11.72 -26.50 -1.59
C THR A 676 12.41 -25.99 -2.85
N GLY A 677 12.23 -24.70 -3.15
CA GLY A 677 12.96 -24.06 -4.21
C GLY A 677 14.31 -23.60 -3.74
N PRO A 678 15.05 -22.97 -4.65
CA PRO A 678 16.38 -22.46 -4.27
C PRO A 678 16.37 -21.51 -3.08
N HIS A 679 15.42 -20.56 -3.05
CA HIS A 679 15.42 -19.58 -1.97
C HIS A 679 15.03 -20.22 -0.64
N VAL A 680 14.22 -21.28 -0.66
CA VAL A 680 13.89 -21.98 0.57
C VAL A 680 15.05 -22.87 1.02
N ALA A 681 15.72 -23.52 0.07
CA ALA A 681 16.89 -24.32 0.41
C ALA A 681 17.94 -23.49 1.13
N VAL A 682 18.26 -22.31 0.58
CA VAL A 682 19.18 -21.40 1.24
C VAL A 682 18.62 -20.99 2.60
N ALA A 683 17.33 -20.64 2.64
CA ALA A 683 16.72 -20.18 3.88
C ALA A 683 16.80 -21.24 4.96
N LYS A 684 16.53 -22.50 4.60
CA LYS A 684 16.57 -23.57 5.59
C LYS A 684 17.96 -23.74 6.18
N ARG A 685 19.00 -23.61 5.35
CA ARG A 685 20.36 -23.69 5.86
C ARG A 685 20.67 -22.54 6.81
N LEU A 686 20.30 -21.31 6.41
CA LEU A 686 20.55 -20.16 7.27
C LEU A 686 19.92 -20.36 8.65
N ALA A 687 18.67 -20.84 8.68
CA ALA A 687 18.02 -21.06 9.97
C ALA A 687 18.77 -22.10 10.78
N ALA A 688 19.24 -23.17 10.15
CA ALA A 688 20.08 -24.14 10.85
C ALA A 688 21.31 -23.46 11.42
N ARG A 689 21.88 -22.50 10.69
CA ARG A 689 23.00 -21.70 11.14
C ARG A 689 22.60 -20.70 12.22
N GLY A 690 21.32 -20.60 12.56
CA GLY A 690 20.86 -19.73 13.62
C GLY A 690 20.48 -18.33 13.20
N VAL A 691 20.11 -18.13 11.94
CA VAL A 691 19.94 -16.77 11.41
C VAL A 691 18.56 -16.18 11.68
N LYS A 692 17.57 -16.99 12.04
CA LYS A 692 16.19 -16.52 12.21
C LYS A 692 15.61 -16.09 10.87
N ILE A 693 14.73 -16.92 10.32
CA ILE A 693 14.00 -16.61 9.09
C ILE A 693 12.54 -16.43 9.46
N ARG A 694 11.96 -15.33 9.01
CA ARG A 694 10.56 -15.00 9.24
C ARG A 694 9.91 -14.68 7.92
N PRO A 695 8.58 -14.83 7.81
CA PRO A 695 7.90 -14.40 6.60
C PRO A 695 8.18 -12.92 6.33
N GLY A 696 8.45 -12.61 5.06
CA GLY A 696 8.94 -11.32 4.68
C GLY A 696 10.43 -11.27 4.45
N THR A 697 11.18 -12.23 4.99
CA THR A 697 12.62 -12.29 4.74
C THR A 697 12.89 -12.47 3.26
N VAL A 698 13.80 -11.67 2.72
CA VAL A 698 14.23 -11.78 1.34
C VAL A 698 15.52 -12.58 1.30
N ILE A 699 15.59 -13.56 0.40
CA ILE A 699 16.79 -14.37 0.22
C ILE A 699 17.51 -13.84 -1.01
N SER A 700 18.70 -13.27 -0.78
CA SER A 700 19.56 -12.81 -1.86
C SER A 700 20.67 -13.85 -2.04
N TYR A 701 20.58 -14.64 -3.10
CA TYR A 701 21.46 -15.77 -3.29
C TYR A 701 22.04 -15.76 -4.69
N ILE A 702 23.03 -16.63 -4.90
CA ILE A 702 23.73 -16.77 -6.17
C ILE A 702 23.97 -18.25 -6.42
N VAL A 703 23.99 -18.63 -7.69
CA VAL A 703 24.08 -20.03 -8.10
C VAL A 703 25.52 -20.31 -8.51
N LEU A 704 26.11 -21.35 -7.90
CA LEU A 704 27.49 -21.72 -8.18
C LEU A 704 27.55 -22.89 -9.15
N LYS A 705 28.72 -23.07 -9.75
CA LYS A 705 28.88 -24.06 -10.81
C LYS A 705 28.59 -25.47 -10.30
N GLY A 706 27.71 -26.18 -11.00
CA GLY A 706 27.38 -27.54 -10.62
C GLY A 706 26.41 -28.15 -11.61
N SER A 707 25.78 -29.25 -11.19
CA SER A 707 24.87 -29.96 -12.08
C SER A 707 23.56 -30.37 -11.41
N GLY A 708 23.60 -30.62 -10.10
CA GLY A 708 22.41 -31.06 -9.39
C GLY A 708 21.31 -30.01 -9.36
N ARG A 709 20.41 -30.11 -8.39
CA ARG A 709 19.37 -29.11 -8.23
C ARG A 709 19.99 -27.73 -8.03
N ILE A 710 19.28 -26.70 -8.49
CA ILE A 710 19.77 -25.34 -8.33
C ILE A 710 19.97 -25.01 -6.86
N GLY A 711 18.97 -25.34 -6.04
CA GLY A 711 19.05 -25.01 -4.62
C GLY A 711 20.24 -25.64 -3.92
N ASP A 712 20.69 -26.81 -4.42
CA ASP A 712 21.84 -27.47 -3.81
C ASP A 712 23.09 -26.59 -3.90
N ARG A 713 23.32 -25.99 -5.08
CA ARG A 713 24.50 -25.17 -5.32
C ARG A 713 24.19 -23.68 -5.27
N ALA A 714 23.23 -23.28 -4.44
CA ALA A 714 22.89 -21.88 -4.24
C ALA A 714 23.28 -21.46 -2.84
N ILE A 715 23.98 -20.33 -2.74
CA ILE A 715 24.42 -19.80 -1.45
C ILE A 715 23.97 -18.35 -1.34
N PRO A 716 23.87 -17.83 -0.12
CA PRO A 716 23.63 -16.39 0.02
C PRO A 716 24.77 -15.60 -0.57
N PHE A 717 24.45 -14.42 -1.11
CA PHE A 717 25.48 -13.56 -1.65
C PHE A 717 26.36 -12.97 -0.55
N ASP A 718 25.90 -13.00 0.70
CA ASP A 718 26.73 -12.57 1.82
C ASP A 718 27.93 -13.49 2.03
N GLU A 719 27.91 -14.69 1.47
CA GLU A 719 28.98 -15.66 1.65
C GLU A 719 29.78 -15.87 0.37
N PHE A 720 29.43 -15.20 -0.71
CA PHE A 720 30.18 -15.34 -1.96
C PHE A 720 31.56 -14.74 -1.80
N ASP A 721 32.56 -15.48 -2.28
CA ASP A 721 33.95 -15.05 -2.27
C ASP A 721 34.57 -15.40 -3.62
N PRO A 722 34.91 -14.43 -4.47
CA PRO A 722 35.46 -14.79 -5.79
C PRO A 722 36.71 -15.63 -5.71
N THR A 723 37.45 -15.57 -4.60
CA THR A 723 38.65 -16.38 -4.45
C THR A 723 38.30 -17.87 -4.40
N LYS A 724 37.16 -18.21 -3.80
CA LYS A 724 36.78 -19.59 -3.57
C LYS A 724 35.64 -20.07 -4.46
N HIS A 725 34.81 -19.17 -4.99
CA HIS A 725 33.58 -19.55 -5.68
C HIS A 725 33.58 -19.01 -7.09
N LYS A 726 33.22 -19.88 -8.04
CA LYS A 726 32.99 -19.49 -9.43
C LYS A 726 31.51 -19.75 -9.74
N TYR A 727 30.77 -18.69 -10.02
CA TYR A 727 29.33 -18.84 -10.21
C TYR A 727 29.04 -19.68 -11.46
N ASP A 728 27.84 -20.24 -11.49
CA ASP A 728 27.41 -21.09 -12.60
C ASP A 728 27.13 -20.25 -13.83
N ALA A 729 28.17 -20.01 -14.64
CA ALA A 729 28.00 -19.16 -15.81
C ALA A 729 26.98 -19.74 -16.78
N GLU A 730 26.88 -21.07 -16.86
CA GLU A 730 25.92 -21.67 -17.78
C GLU A 730 24.50 -21.57 -17.27
N TYR A 731 24.31 -21.48 -15.96
CA TYR A 731 22.96 -21.27 -15.43
C TYR A 731 22.44 -19.89 -15.83
N TYR A 732 23.22 -18.85 -15.54
CA TYR A 732 22.79 -17.48 -15.85
C TYR A 732 22.69 -17.22 -17.35
N ILE A 733 23.18 -18.13 -18.18
CA ILE A 733 23.01 -18.03 -19.63
C ILE A 733 21.78 -18.77 -20.09
N GLU A 734 21.63 -20.03 -19.67
CA GLU A 734 20.54 -20.87 -20.14
C GLU A 734 19.25 -20.70 -19.35
N ASN A 735 19.32 -20.17 -18.13
CA ASN A 735 18.16 -20.07 -17.26
C ASN A 735 17.74 -18.65 -16.91
N GLN A 736 18.54 -17.64 -17.24
CA GLN A 736 18.22 -16.27 -16.87
C GLN A 736 18.23 -15.34 -18.08
N VAL A 737 19.37 -15.24 -18.76
CA VAL A 737 19.48 -14.31 -19.89
C VAL A 737 18.71 -14.84 -21.09
N LEU A 738 19.13 -15.98 -21.63
CA LEU A 738 18.54 -16.48 -22.87
C LEU A 738 17.04 -16.64 -22.78
N PRO A 739 16.47 -17.28 -21.76
CA PRO A 739 15.01 -17.45 -21.73
C PRO A 739 14.25 -16.14 -21.81
N ALA A 740 14.78 -15.08 -21.20
CA ALA A 740 14.09 -13.79 -21.22
C ALA A 740 14.17 -13.14 -22.59
N VAL A 741 15.38 -13.03 -23.14
CA VAL A 741 15.53 -12.35 -24.44
C VAL A 741 15.13 -13.23 -25.61
N GLU A 742 15.16 -14.56 -25.44
CA GLU A 742 14.75 -15.43 -26.54
C GLU A 742 13.28 -15.26 -26.87
N ARG A 743 12.43 -15.19 -25.84
CA ARG A 743 11.00 -15.03 -26.07
C ARG A 743 10.69 -13.81 -26.93
N ILE A 744 11.56 -12.81 -26.92
CA ILE A 744 11.42 -11.65 -27.79
C ILE A 744 12.03 -11.92 -29.16
N LEU A 745 13.29 -12.34 -29.18
CA LEU A 745 14.05 -12.48 -30.41
C LEU A 745 13.59 -13.65 -31.26
N ARG A 746 12.69 -14.50 -30.77
CA ARG A 746 12.05 -15.49 -31.64
C ARG A 746 11.54 -14.83 -32.91
N ALA A 747 10.73 -13.79 -32.74
CA ALA A 747 9.96 -13.24 -33.86
C ALA A 747 10.87 -12.80 -35.00
N PHE A 748 12.11 -12.45 -34.69
CA PHE A 748 13.07 -12.04 -35.72
C PHE A 748 13.87 -13.21 -36.25
N GLY A 749 13.52 -14.44 -35.87
CA GLY A 749 14.11 -15.64 -36.43
C GLY A 749 15.29 -16.20 -35.67
N TYR A 750 15.68 -15.58 -34.56
CA TYR A 750 16.85 -16.05 -33.82
C TYR A 750 16.47 -17.16 -32.85
N ARG A 751 17.47 -18.00 -32.58
CA ARG A 751 17.35 -19.12 -31.65
C ARG A 751 18.49 -19.00 -30.66
N LYS A 752 18.39 -19.77 -29.57
CA LYS A 752 19.35 -19.61 -28.48
C LYS A 752 20.77 -19.80 -28.95
N GLU A 753 21.00 -20.70 -29.91
CA GLU A 753 22.36 -20.99 -30.35
C GLU A 753 23.03 -19.77 -30.96
N ASP A 754 22.25 -18.88 -31.58
CA ASP A 754 22.80 -17.70 -32.23
C ASP A 754 23.04 -16.56 -31.26
N LEU A 755 22.75 -16.77 -29.98
CA LEU A 755 22.94 -15.75 -28.95
C LEU A 755 24.03 -16.14 -27.96
N ARG A 756 24.56 -17.36 -28.05
CA ARG A 756 25.66 -17.81 -27.20
C ARG A 756 26.88 -18.13 -28.06
#